data_1Z9H
#
_entry.id   1Z9H
#
_cell.length_a   128.24
_cell.length_b   122.83
_cell.length_c   111.53
_cell.angle_alpha   90.0
_cell.angle_beta   110.6
_cell.angle_gamma   90.0
#
_symmetry.space_group_name_H-M   'C 1 2 1'
#
loop_
_entity.id
_entity.type
_entity.pdbx_description
1 polymer 'membrane-associated prostaglandin E synthase-2'
2 non-polymer 'ACETATE ION'
3 non-polymer INDOMETHACIN
4 non-polymer 'CHLORIDE ION'
5 water water
#
_entity_poly.entity_id   1
_entity_poly.type   'polypeptide(L)'
_entity_poly.pdbx_seq_one_letter_code
;ERSAVQLSLSSRLQLTLYQYKTCPFCSKVRAFLDFHALPYQVVEVNPVLRAEIKFSSYRKVPILVAQEGESSQQLNDSSV
IISALKTYLVSGQPLEEIITYYPAMKAVNDQGKEVTEFGNKYWLMLNEKEAQQVYSGKEARTEEMKWRQWADDWLVHLIS
PNVYRTPTEALASFDYIVREGKFGAVEGAVAKYMGAAAMYLISKRLKSRHRLQDNVREDLYEAADKWVAAVGKDRPFMGG
QKPNLADLAVYGVLRVMEGLDAFDDLMQHTHIQPWYLRVERAITEASPAH
;
_entity_poly.pdbx_strand_id   A,B,C,D
#
# COMPACT_ATOMS: atom_id res chain seq x y z
N LEU A 13 35.94 21.38 -10.59
CA LEU A 13 34.48 21.11 -10.77
C LEU A 13 34.17 20.45 -12.12
N GLN A 14 34.04 19.13 -12.10
CA GLN A 14 33.74 18.37 -13.30
C GLN A 14 32.25 18.05 -13.33
N LEU A 15 31.62 18.42 -14.44
CA LEU A 15 30.18 18.21 -14.60
C LEU A 15 29.86 17.13 -15.61
N THR A 16 29.07 16.14 -15.19
CA THR A 16 28.66 15.09 -16.11
C THR A 16 27.15 15.16 -16.18
N LEU A 17 26.62 15.36 -17.38
CA LEU A 17 25.18 15.46 -17.56
C LEU A 17 24.59 14.23 -18.25
N TYR A 18 23.77 13.50 -17.51
CA TYR A 18 23.09 12.32 -18.03
C TYR A 18 21.80 12.86 -18.63
N GLN A 19 21.57 12.61 -19.90
CA GLN A 19 20.38 13.17 -20.53
C GLN A 19 19.75 12.39 -21.69
N TYR A 20 18.66 12.95 -22.20
CA TYR A 20 17.95 12.45 -23.37
C TYR A 20 18.09 13.71 -24.22
N LYS A 21 19.03 13.68 -25.14
CA LYS A 21 19.29 14.85 -25.97
C LYS A 21 18.06 15.64 -26.39
N THR A 22 17.11 14.97 -27.05
CA THR A 22 15.89 15.63 -27.54
C THR A 22 14.80 15.95 -26.51
N CYS A 23 15.11 15.81 -25.24
CA CYS A 23 14.13 16.08 -24.19
C CYS A 23 14.25 17.53 -23.71
N PRO A 24 13.11 18.23 -23.54
CA PRO A 24 13.11 19.62 -23.08
C PRO A 24 13.76 19.85 -21.73
N PHE A 25 13.76 18.81 -20.89
CA PHE A 25 14.35 18.93 -19.57
C PHE A 25 15.86 18.93 -19.62
N CYS A 26 16.41 18.22 -20.61
CA CYS A 26 17.86 18.14 -20.77
C CYS A 26 18.35 19.32 -21.58
N SER A 27 17.51 19.77 -22.51
CA SER A 27 17.87 20.91 -23.33
C SER A 27 17.94 22.12 -22.43
N LYS A 28 17.07 22.15 -21.42
CA LYS A 28 17.04 23.27 -20.48
C LYS A 28 18.35 23.41 -19.73
N VAL A 29 18.88 22.28 -19.27
CA VAL A 29 20.14 22.26 -18.52
C VAL A 29 21.31 22.60 -19.42
N ARG A 30 21.26 22.14 -20.66
CA ARG A 30 22.33 22.43 -21.61
C ARG A 30 22.33 23.91 -21.94
N ALA A 31 21.15 24.48 -22.17
CA ALA A 31 21.02 25.91 -22.47
C ALA A 31 21.65 26.76 -21.38
N PHE A 32 21.52 26.31 -20.14
CA PHE A 32 22.08 27.01 -18.99
C PHE A 32 23.60 26.84 -18.89
N LEU A 33 24.06 25.60 -18.92
CA LEU A 33 25.49 25.30 -18.83
C LEU A 33 26.24 25.97 -19.99
N ASP A 34 25.68 25.87 -21.18
CA ASP A 34 26.27 26.47 -22.36
C ASP A 34 26.37 27.99 -22.22
N PHE A 35 25.27 28.61 -21.83
CA PHE A 35 25.25 30.06 -21.69
C PHE A 35 26.28 30.57 -20.69
N HIS A 36 26.54 29.81 -19.65
CA HIS A 36 27.52 30.22 -18.64
C HIS A 36 28.86 29.60 -19.00
N ALA A 37 28.96 29.10 -20.22
CA ALA A 37 30.18 28.49 -20.72
C ALA A 37 30.78 27.51 -19.72
N LEU A 38 29.92 26.72 -19.08
CA LEU A 38 30.40 25.76 -18.10
C LEU A 38 30.81 24.49 -18.84
N PRO A 39 31.97 23.93 -18.50
CA PRO A 39 32.44 22.71 -19.15
C PRO A 39 31.82 21.49 -18.50
N TYR A 40 31.25 20.61 -19.33
CA TYR A 40 30.62 19.40 -18.82
C TYR A 40 30.71 18.31 -19.86
N GLN A 41 30.51 17.08 -19.41
CA GLN A 41 30.51 15.93 -20.30
C GLN A 41 29.08 15.44 -20.28
N VAL A 42 28.65 14.85 -21.38
CA VAL A 42 27.29 14.35 -21.42
C VAL A 42 27.26 12.88 -21.76
N VAL A 43 26.54 12.10 -20.95
CA VAL A 43 26.41 10.70 -21.25
C VAL A 43 24.95 10.53 -21.63
N GLU A 44 24.75 10.14 -22.88
CA GLU A 44 23.42 9.93 -23.43
C GLU A 44 22.81 8.67 -22.85
N VAL A 45 21.62 8.79 -22.30
CA VAL A 45 20.92 7.67 -21.70
C VAL A 45 20.05 6.93 -22.72
N ASN A 46 20.05 5.59 -22.62
CA ASN A 46 19.24 4.75 -23.49
C ASN A 46 17.85 4.73 -22.87
N PRO A 47 16.89 5.45 -23.48
CA PRO A 47 15.52 5.52 -22.99
C PRO A 47 14.83 4.17 -22.73
N VAL A 48 15.27 3.14 -23.43
CA VAL A 48 14.66 1.82 -23.28
C VAL A 48 15.19 1.05 -22.07
N LEU A 49 16.51 0.96 -21.95
CA LEU A 49 17.11 0.22 -20.84
C LEU A 49 17.61 1.10 -19.70
N ARG A 50 18.01 2.32 -20.04
CA ARG A 50 18.51 3.31 -19.07
C ARG A 50 19.64 2.81 -18.17
N ALA A 51 20.45 1.90 -18.69
CA ALA A 51 21.56 1.37 -17.89
C ALA A 51 22.51 2.45 -17.42
N GLU A 52 22.74 3.46 -18.24
CA GLU A 52 23.67 4.52 -17.90
C GLU A 52 23.25 5.38 -16.73
N ILE A 53 22.03 5.20 -16.25
CA ILE A 53 21.52 6.00 -15.15
C ILE A 53 21.28 5.11 -13.94
N LYS A 54 21.64 3.83 -14.08
CA LYS A 54 21.39 2.92 -12.98
C LYS A 54 22.55 2.93 -12.00
N PHE A 55 22.69 4.05 -11.32
CA PHE A 55 23.68 4.26 -10.27
C PHE A 55 22.96 5.20 -9.32
N SER A 56 21.87 5.76 -9.82
CA SER A 56 21.06 6.72 -9.12
C SER A 56 19.71 6.18 -8.65
N SER A 57 19.32 6.59 -7.44
CA SER A 57 18.05 6.18 -6.88
C SER A 57 16.99 7.06 -7.53
N TYR A 58 17.42 8.22 -8.04
CA TYR A 58 16.52 9.15 -8.72
C TYR A 58 16.36 8.53 -10.11
N ARG A 59 15.13 8.21 -10.47
CA ARG A 59 14.86 7.53 -11.72
C ARG A 59 14.40 8.35 -12.89
N LYS A 60 14.80 9.61 -12.93
CA LYS A 60 14.42 10.50 -14.02
C LYS A 60 15.68 11.15 -14.56
N VAL A 61 15.62 11.66 -15.78
CA VAL A 61 16.76 12.34 -16.38
C VAL A 61 16.20 13.66 -16.87
N PRO A 62 17.04 14.71 -16.92
CA PRO A 62 18.45 14.74 -16.57
C PRO A 62 18.85 14.55 -15.12
N ILE A 63 20.10 14.12 -14.96
CA ILE A 63 20.71 13.93 -13.66
C ILE A 63 22.06 14.56 -13.89
N LEU A 64 22.55 15.35 -12.95
CA LEU A 64 23.87 15.95 -13.13
C LEU A 64 24.69 15.73 -11.88
N VAL A 65 25.84 15.06 -12.03
CA VAL A 65 26.71 14.83 -10.89
C VAL A 65 27.92 15.75 -11.00
N ALA A 66 28.15 16.52 -9.95
CA ALA A 66 29.25 17.47 -9.91
C ALA A 66 30.34 16.89 -9.03
N GLN A 67 31.53 16.73 -9.60
CA GLN A 67 32.66 16.19 -8.87
C GLN A 67 33.64 17.31 -8.56
N GLU A 68 33.99 17.44 -7.29
CA GLU A 68 34.93 18.46 -6.85
C GLU A 68 36.05 17.70 -6.16
N GLY A 69 37.05 17.32 -6.95
CA GLY A 69 38.16 16.55 -6.41
C GLY A 69 37.69 15.15 -6.05
N GLU A 70 37.64 14.87 -4.75
CA GLU A 70 37.21 13.56 -4.25
C GLU A 70 35.70 13.55 -3.99
N SER A 71 35.15 14.73 -3.74
CA SER A 71 33.73 14.85 -3.45
C SER A 71 32.89 14.95 -4.71
N SER A 72 31.62 14.62 -4.59
CA SER A 72 30.69 14.66 -5.72
C SER A 72 29.27 14.78 -5.20
N GLN A 73 28.43 15.45 -6.00
CA GLN A 73 27.03 15.64 -5.64
C GLN A 73 26.17 15.34 -6.85
N GLN A 74 24.99 14.77 -6.59
CA GLN A 74 24.05 14.45 -7.67
C GLN A 74 22.89 15.45 -7.60
N LEU A 75 22.72 16.23 -8.66
CA LEU A 75 21.65 17.22 -8.73
C LEU A 75 20.60 16.60 -9.63
N ASN A 76 19.43 16.33 -9.06
CA ASN A 76 18.38 15.66 -9.81
C ASN A 76 17.38 16.42 -10.67
N ASP A 77 16.59 17.32 -10.10
CA ASP A 77 15.61 17.97 -10.96
C ASP A 77 16.20 19.01 -11.92
N SER A 78 15.77 18.97 -13.17
CA SER A 78 16.25 19.91 -14.18
C SER A 78 16.21 21.37 -13.76
N SER A 79 15.20 21.74 -12.97
CA SER A 79 15.07 23.11 -12.49
C SER A 79 15.93 23.31 -11.27
N VAL A 80 16.12 22.23 -10.52
CA VAL A 80 16.93 22.28 -9.30
C VAL A 80 18.41 22.36 -9.67
N ILE A 81 18.80 21.63 -10.70
CA ILE A 81 20.18 21.64 -11.16
C ILE A 81 20.56 23.07 -11.53
N ILE A 82 19.72 23.70 -12.35
CA ILE A 82 19.95 25.06 -12.81
C ILE A 82 19.97 26.06 -11.65
N SER A 83 19.05 25.88 -10.70
CA SER A 83 18.95 26.75 -9.55
C SER A 83 20.15 26.60 -8.64
N ALA A 84 20.57 25.37 -8.39
CA ALA A 84 21.70 25.09 -7.51
C ALA A 84 23.03 25.50 -8.14
N LEU A 85 23.24 25.11 -9.39
CA LEU A 85 24.47 25.44 -10.11
C LEU A 85 24.61 26.95 -10.26
N LYS A 86 23.47 27.62 -10.38
CA LYS A 86 23.44 29.07 -10.54
C LYS A 86 23.77 29.83 -9.25
N THR A 87 23.08 29.51 -8.15
CA THR A 87 23.34 30.18 -6.88
C THR A 87 24.79 29.91 -6.49
N TYR A 88 25.33 28.80 -7.00
CA TYR A 88 26.70 28.43 -6.73
C TYR A 88 27.67 29.34 -7.48
N LEU A 89 27.33 29.67 -8.73
CA LEU A 89 28.18 30.53 -9.53
C LEU A 89 28.22 31.95 -8.98
N VAL A 90 27.17 32.34 -8.26
CA VAL A 90 27.10 33.68 -7.70
C VAL A 90 27.58 33.74 -6.25
N SER A 91 27.16 32.78 -5.44
CA SER A 91 27.54 32.76 -4.03
C SER A 91 28.83 32.00 -3.73
N GLY A 92 29.20 31.06 -4.58
CA GLY A 92 30.40 30.30 -4.35
C GLY A 92 30.27 29.35 -3.17
N GLN A 93 29.09 29.34 -2.54
CA GLN A 93 28.84 28.46 -1.41
C GLN A 93 28.94 27.01 -1.86
N PRO A 94 29.45 26.12 -0.99
CA PRO A 94 29.57 24.70 -1.34
C PRO A 94 28.30 24.11 -1.93
N LEU A 95 28.45 23.39 -3.03
CA LEU A 95 27.34 22.74 -3.72
C LEU A 95 26.61 21.73 -2.82
N GLU A 96 27.34 21.11 -1.91
CA GLU A 96 26.75 20.12 -1.01
C GLU A 96 25.83 20.78 0.01
N GLU A 97 25.98 22.09 0.17
CA GLU A 97 25.14 22.82 1.10
C GLU A 97 23.99 23.40 0.31
N ILE A 98 24.29 23.91 -0.87
CA ILE A 98 23.29 24.50 -1.72
C ILE A 98 22.17 23.52 -2.09
N ILE A 99 22.54 22.31 -2.50
CA ILE A 99 21.54 21.31 -2.91
C ILE A 99 20.65 20.92 -1.73
N THR A 100 21.03 21.39 -0.56
CA THR A 100 20.31 21.10 0.67
C THR A 100 19.07 21.99 0.80
N TYR A 101 19.06 23.10 0.06
CA TYR A 101 17.95 24.03 0.08
C TYR A 101 16.85 23.67 -0.91
N TYR A 102 17.08 22.64 -1.72
CA TYR A 102 16.08 22.19 -2.68
C TYR A 102 15.83 20.71 -2.36
N PRO A 103 15.05 20.44 -1.31
CA PRO A 103 14.74 19.09 -0.87
C PRO A 103 13.69 18.35 -1.69
N ALA A 104 13.84 17.04 -1.77
CA ALA A 104 12.89 16.22 -2.49
C ALA A 104 11.72 16.03 -1.53
N MET A 105 10.55 16.49 -1.94
CA MET A 105 9.36 16.38 -1.11
C MET A 105 8.42 15.27 -1.59
N LYS A 106 8.50 14.13 -0.91
CA LYS A 106 7.70 12.97 -1.23
C LYS A 106 6.28 13.08 -0.68
N ALA A 107 5.33 12.51 -1.42
CA ALA A 107 3.93 12.52 -1.04
C ALA A 107 3.22 11.47 -1.88
N VAL A 108 2.13 10.91 -1.35
CA VAL A 108 1.39 9.92 -2.09
C VAL A 108 0.22 10.61 -2.76
N ASN A 109 0.13 10.42 -4.07
CA ASN A 109 -0.91 11.02 -4.88
C ASN A 109 -2.30 10.61 -4.44
N ASP A 110 -3.29 11.31 -4.96
CA ASP A 110 -4.69 11.04 -4.67
C ASP A 110 -5.10 9.75 -5.37
N GLN A 111 -4.17 9.17 -6.13
CA GLN A 111 -4.40 7.93 -6.85
C GLN A 111 -3.54 6.82 -6.27
N GLY A 112 -2.76 7.16 -5.24
CA GLY A 112 -1.91 6.17 -4.59
C GLY A 112 -0.48 6.15 -5.08
N LYS A 113 -0.15 7.03 -6.02
CA LYS A 113 1.20 7.09 -6.58
C LYS A 113 2.10 8.02 -5.78
N GLU A 114 3.34 7.61 -5.58
CA GLU A 114 4.29 8.41 -4.83
C GLU A 114 4.97 9.45 -5.72
N VAL A 115 4.56 10.70 -5.59
CA VAL A 115 5.15 11.76 -6.37
C VAL A 115 6.25 12.42 -5.57
N THR A 116 7.21 13.03 -6.26
CA THR A 116 8.33 13.70 -5.62
C THR A 116 8.54 15.05 -6.27
N GLU A 117 8.32 16.12 -5.51
CA GLU A 117 8.48 17.47 -6.00
C GLU A 117 9.67 18.04 -5.26
N PHE A 118 10.35 19.02 -5.85
CA PHE A 118 11.51 19.62 -5.19
C PHE A 118 11.22 21.00 -4.64
N GLY A 119 11.42 21.17 -3.34
CA GLY A 119 11.16 22.45 -2.73
C GLY A 119 12.03 23.56 -3.26
N ASN A 120 11.47 24.77 -3.28
CA ASN A 120 12.15 25.98 -3.72
C ASN A 120 12.90 25.84 -5.04
N LYS A 121 12.47 24.94 -5.90
CA LYS A 121 13.18 24.72 -7.16
C LYS A 121 13.38 25.89 -8.10
N TYR A 122 12.57 26.94 -8.00
CA TYR A 122 12.70 28.10 -8.89
C TYR A 122 13.23 29.32 -8.13
N TRP A 123 13.78 29.10 -6.95
CA TRP A 123 14.31 30.19 -6.14
C TRP A 123 15.79 29.99 -5.91
N LEU A 124 16.59 30.98 -6.30
CA LEU A 124 18.03 30.94 -6.12
C LEU A 124 18.28 31.29 -4.68
N MET A 125 19.13 30.51 -4.01
CA MET A 125 19.41 30.79 -2.61
C MET A 125 20.54 31.82 -2.58
N LEU A 126 20.16 33.08 -2.72
CA LEU A 126 21.09 34.21 -2.76
C LEU A 126 20.80 35.22 -1.66
N ASN A 127 21.85 35.94 -1.23
CA ASN A 127 21.70 36.97 -0.20
C ASN A 127 21.47 38.32 -0.88
N GLU A 128 21.04 39.32 -0.11
CA GLU A 128 20.76 40.64 -0.67
C GLU A 128 21.84 41.10 -1.65
N LYS A 129 23.09 41.08 -1.20
CA LYS A 129 24.20 41.49 -2.04
C LYS A 129 24.16 40.85 -3.43
N GLU A 130 24.36 39.53 -3.48
CA GLU A 130 24.38 38.82 -4.76
C GLU A 130 23.08 38.94 -5.54
N ALA A 131 21.95 39.00 -4.84
CA ALA A 131 20.66 39.12 -5.51
C ALA A 131 20.60 40.42 -6.29
N GLN A 132 21.11 41.50 -5.69
CA GLN A 132 21.12 42.80 -6.35
C GLN A 132 22.04 42.71 -7.55
N GLN A 133 23.04 41.84 -7.43
CA GLN A 133 24.02 41.63 -8.47
C GLN A 133 23.45 40.90 -9.69
N VAL A 134 22.44 40.06 -9.47
CA VAL A 134 21.88 39.30 -10.59
C VAL A 134 20.48 39.72 -11.03
N TYR A 135 19.77 40.48 -10.21
CA TYR A 135 18.42 40.89 -10.60
C TYR A 135 18.23 42.40 -10.71
N SER A 136 17.28 42.80 -11.54
CA SER A 136 16.98 44.22 -11.75
C SER A 136 16.45 44.80 -10.45
N GLY A 137 15.57 44.04 -9.80
CA GLY A 137 14.97 44.46 -8.55
C GLY A 137 14.08 43.32 -8.08
N LYS A 138 13.43 43.51 -6.93
CA LYS A 138 12.54 42.49 -6.34
C LYS A 138 11.53 41.92 -7.33
N GLU A 139 10.98 42.76 -8.20
CA GLU A 139 9.99 42.30 -9.16
C GLU A 139 10.57 41.50 -10.32
N ALA A 140 11.86 41.65 -10.57
CA ALA A 140 12.52 40.94 -11.65
C ALA A 140 12.79 39.52 -11.20
N ARG A 141 13.02 39.36 -9.89
CA ARG A 141 13.30 38.06 -9.30
C ARG A 141 12.10 37.11 -9.28
N THR A 142 10.93 37.64 -8.91
CA THR A 142 9.73 36.83 -8.85
C THR A 142 9.09 36.65 -10.21
N GLU A 143 9.52 37.45 -11.17
CA GLU A 143 8.97 37.36 -12.52
C GLU A 143 9.57 36.18 -13.28
N GLU A 144 10.88 35.96 -13.12
CA GLU A 144 11.54 34.85 -13.82
C GLU A 144 11.09 33.54 -13.17
N MET A 145 10.88 33.59 -11.87
CA MET A 145 10.43 32.43 -11.12
C MET A 145 9.07 32.01 -11.71
N LYS A 146 8.20 32.98 -11.97
CA LYS A 146 6.88 32.69 -12.51
C LYS A 146 6.96 32.17 -13.94
N TRP A 147 7.92 32.67 -14.71
CA TRP A 147 8.07 32.24 -16.09
C TRP A 147 8.86 30.95 -16.24
N ARG A 148 9.60 30.62 -15.19
CA ARG A 148 10.37 29.38 -15.17
C ARG A 148 9.35 28.27 -15.04
N GLN A 149 8.37 28.49 -14.16
CA GLN A 149 7.30 27.53 -13.90
C GLN A 149 6.38 27.39 -15.10
N TRP A 150 6.15 28.48 -15.80
CA TRP A 150 5.29 28.45 -16.98
C TRP A 150 5.93 27.56 -18.04
N ALA A 151 7.21 27.78 -18.28
CA ALA A 151 7.95 27.01 -19.27
C ALA A 151 7.73 25.51 -19.13
N ASP A 152 7.90 24.95 -17.95
CA ASP A 152 7.71 23.52 -17.87
C ASP A 152 6.34 23.01 -17.45
N ASP A 153 5.48 23.88 -16.94
CA ASP A 153 4.14 23.42 -16.53
C ASP A 153 3.15 23.67 -17.63
N TRP A 154 3.43 24.62 -18.51
CA TRP A 154 2.51 24.83 -19.60
C TRP A 154 3.14 24.61 -20.97
N LEU A 155 4.28 25.26 -21.21
CA LEU A 155 4.97 25.17 -22.50
C LEU A 155 5.37 23.78 -22.97
N VAL A 156 6.07 23.01 -22.14
CA VAL A 156 6.47 21.69 -22.57
C VAL A 156 5.29 20.85 -23.01
N HIS A 157 4.15 21.02 -22.35
CA HIS A 157 2.96 20.26 -22.70
C HIS A 157 2.48 20.47 -24.15
N LEU A 158 3.04 21.48 -24.82
CA LEU A 158 2.66 21.78 -26.21
C LEU A 158 3.58 21.18 -27.25
N ILE A 159 4.71 20.63 -26.79
CA ILE A 159 5.71 20.01 -27.67
C ILE A 159 5.18 18.73 -28.33
N SER A 160 4.93 17.71 -27.52
CA SER A 160 4.47 16.43 -28.02
C SER A 160 3.25 16.53 -28.93
N PRO A 161 2.11 17.02 -28.41
CA PRO A 161 0.94 17.10 -29.29
C PRO A 161 1.25 17.78 -30.63
N ASN A 162 2.23 18.66 -30.64
CA ASN A 162 2.61 19.40 -31.84
C ASN A 162 3.57 18.69 -32.78
N VAL A 163 4.54 17.95 -32.23
CA VAL A 163 5.52 17.23 -33.05
C VAL A 163 5.06 15.82 -33.42
N TYR A 164 3.96 15.37 -32.82
CA TYR A 164 3.39 14.04 -33.07
C TYR A 164 1.97 14.24 -33.58
N ARG A 165 1.63 15.48 -33.88
CA ARG A 165 0.30 15.84 -34.32
C ARG A 165 -0.19 15.15 -35.58
N THR A 166 0.74 14.74 -36.44
CA THR A 166 0.40 14.09 -37.69
C THR A 166 1.28 12.84 -37.87
N PRO A 167 0.77 11.78 -38.51
CA PRO A 167 1.58 10.57 -38.69
C PRO A 167 2.93 10.83 -39.34
N THR A 168 2.96 11.70 -40.34
CA THR A 168 4.19 12.05 -41.02
C THR A 168 5.12 12.73 -40.03
N GLU A 169 4.57 13.64 -39.25
CA GLU A 169 5.33 14.36 -38.24
C GLU A 169 5.82 13.42 -37.15
N ALA A 170 5.00 12.46 -36.77
CA ALA A 170 5.37 11.52 -35.73
C ALA A 170 6.63 10.77 -36.14
N LEU A 171 6.66 10.28 -37.37
CA LEU A 171 7.80 9.53 -37.89
C LEU A 171 9.07 10.39 -37.96
N ALA A 172 8.92 11.64 -38.38
CA ALA A 172 10.05 12.55 -38.48
C ALA A 172 10.64 12.82 -37.10
N SER A 173 9.75 12.93 -36.10
CA SER A 173 10.13 13.20 -34.73
C SER A 173 10.93 12.04 -34.16
N PHE A 174 10.42 10.83 -34.32
CA PHE A 174 11.11 9.68 -33.79
C PHE A 174 12.36 9.34 -34.56
N ASP A 175 12.42 9.78 -35.80
CA ASP A 175 13.59 9.54 -36.62
C ASP A 175 14.70 10.35 -35.97
N TYR A 176 14.36 11.61 -35.69
CA TYR A 176 15.26 12.57 -35.06
C TYR A 176 15.61 12.18 -33.63
N ILE A 177 14.66 11.60 -32.90
CA ILE A 177 14.89 11.17 -31.52
C ILE A 177 15.86 10.00 -31.48
N VAL A 178 15.65 9.01 -32.35
CA VAL A 178 16.50 7.84 -32.43
C VAL A 178 17.89 8.19 -32.99
N ARG A 179 17.91 9.08 -33.99
CA ARG A 179 19.17 9.53 -34.59
C ARG A 179 19.94 10.35 -33.57
N GLU A 180 19.25 11.27 -32.91
CA GLU A 180 19.85 12.13 -31.89
C GLU A 180 20.16 11.45 -30.57
N GLY A 181 19.35 10.46 -30.19
CA GLY A 181 19.56 9.76 -28.94
C GLY A 181 20.40 8.50 -29.01
N LYS A 182 20.32 7.69 -27.95
CA LYS A 182 21.07 6.44 -27.86
C LYS A 182 20.19 5.19 -27.87
N PHE A 183 20.14 4.52 -29.02
CA PHE A 183 19.34 3.31 -29.18
C PHE A 183 20.17 2.28 -29.93
N GLY A 184 19.98 1.00 -29.58
CA GLY A 184 20.70 -0.04 -30.30
C GLY A 184 20.17 -0.06 -31.71
N ALA A 185 21.01 -0.40 -32.68
CA ALA A 185 20.59 -0.45 -34.08
C ALA A 185 19.26 -1.17 -34.27
N VAL A 186 18.99 -2.16 -33.42
CA VAL A 186 17.76 -2.93 -33.47
C VAL A 186 16.56 -2.18 -32.88
N GLU A 187 16.65 -1.82 -31.60
CA GLU A 187 15.57 -1.11 -30.91
C GLU A 187 15.35 0.26 -31.52
N GLY A 188 16.35 0.73 -32.26
CA GLY A 188 16.22 2.02 -32.89
C GLY A 188 15.17 1.89 -33.97
N ALA A 189 15.34 0.88 -34.82
CA ALA A 189 14.42 0.62 -35.92
C ALA A 189 13.00 0.38 -35.40
N VAL A 190 12.91 -0.36 -34.31
CA VAL A 190 11.62 -0.65 -33.70
C VAL A 190 11.00 0.65 -33.22
N ALA A 191 11.67 1.29 -32.28
CA ALA A 191 11.21 2.54 -31.70
C ALA A 191 10.84 3.58 -32.76
N LYS A 192 11.56 3.59 -33.87
CA LYS A 192 11.28 4.56 -34.93
C LYS A 192 9.86 4.49 -35.45
N TYR A 193 9.40 3.27 -35.72
CA TYR A 193 8.06 3.05 -36.25
C TYR A 193 7.04 2.75 -35.15
N MET A 194 7.42 1.91 -34.21
CA MET A 194 6.54 1.56 -33.10
C MET A 194 6.31 2.77 -32.21
N GLY A 195 7.40 3.47 -31.89
CA GLY A 195 7.31 4.65 -31.03
C GLY A 195 6.55 5.80 -31.66
N ALA A 196 6.72 5.99 -32.96
CA ALA A 196 6.03 7.07 -33.66
C ALA A 196 4.53 6.84 -33.57
N ALA A 197 4.12 5.59 -33.73
CA ALA A 197 2.73 5.20 -33.67
C ALA A 197 2.15 5.43 -32.28
N ALA A 198 2.79 4.84 -31.28
CA ALA A 198 2.37 4.98 -29.89
C ALA A 198 2.22 6.46 -29.52
N MET A 199 3.25 7.24 -29.83
CA MET A 199 3.27 8.67 -29.51
C MET A 199 2.23 9.47 -30.28
N TYR A 200 1.95 9.07 -31.49
CA TYR A 200 0.96 9.80 -32.28
C TYR A 200 -0.41 9.65 -31.63
N LEU A 201 -0.72 8.44 -31.17
CA LEU A 201 -1.99 8.14 -30.50
C LEU A 201 -1.98 8.69 -29.08
N ILE A 202 -0.93 8.35 -28.35
CA ILE A 202 -0.78 8.79 -26.96
C ILE A 202 -0.88 10.30 -26.82
N SER A 203 -0.41 11.04 -27.82
CA SER A 203 -0.45 12.48 -27.76
C SER A 203 -1.85 13.02 -28.05
N LYS A 204 -2.66 12.19 -28.69
CA LYS A 204 -4.03 12.57 -29.01
C LYS A 204 -4.78 12.77 -27.71
N ARG A 205 -4.36 12.00 -26.69
CA ARG A 205 -4.96 12.08 -25.37
C ARG A 205 -4.27 13.15 -24.54
N LEU A 206 -2.97 13.32 -24.74
CA LEU A 206 -2.21 14.34 -24.00
C LEU A 206 -2.80 15.69 -24.36
N LYS A 207 -3.20 15.82 -25.61
CA LYS A 207 -3.80 17.04 -26.13
C LYS A 207 -5.12 17.32 -25.41
N SER A 208 -5.88 16.27 -25.15
CA SER A 208 -7.16 16.39 -24.48
C SER A 208 -7.01 16.61 -22.97
N ARG A 209 -6.30 15.69 -22.32
CA ARG A 209 -6.06 15.77 -20.88
C ARG A 209 -5.59 17.17 -20.47
N HIS A 210 -4.70 17.74 -21.28
CA HIS A 210 -4.14 19.06 -21.00
C HIS A 210 -5.00 20.22 -21.50
N ARG A 211 -6.22 19.93 -21.92
CA ARG A 211 -7.14 20.95 -22.40
C ARG A 211 -6.57 21.80 -23.54
N LEU A 212 -6.05 21.15 -24.57
CA LEU A 212 -5.48 21.85 -25.71
C LEU A 212 -6.56 21.97 -26.79
N GLN A 213 -6.43 22.96 -27.66
CA GLN A 213 -7.40 23.14 -28.73
C GLN A 213 -7.24 22.01 -29.74
N ASP A 214 -8.13 21.97 -30.72
CA ASP A 214 -8.05 20.96 -31.75
C ASP A 214 -6.85 21.27 -32.63
N ASN A 215 -6.65 22.55 -32.91
CA ASN A 215 -5.50 22.97 -33.72
C ASN A 215 -4.43 23.30 -32.70
N VAL A 216 -3.70 22.28 -32.29
CA VAL A 216 -2.63 22.39 -31.30
C VAL A 216 -1.60 23.44 -31.64
N ARG A 217 -1.48 23.74 -32.93
CA ARG A 217 -0.55 24.73 -33.41
C ARG A 217 -0.91 26.07 -32.83
N GLU A 218 -2.21 26.33 -32.74
CA GLU A 218 -2.72 27.59 -32.20
C GLU A 218 -2.36 27.75 -30.74
N ASP A 219 -2.35 26.64 -30.01
CA ASP A 219 -1.99 26.69 -28.60
C ASP A 219 -0.52 27.10 -28.53
N LEU A 220 0.27 26.58 -29.46
CA LEU A 220 1.70 26.87 -29.53
C LEU A 220 1.96 28.34 -29.86
N TYR A 221 1.23 28.87 -30.83
CA TYR A 221 1.39 30.27 -31.23
C TYR A 221 0.99 31.21 -30.09
N GLU A 222 -0.12 30.90 -29.45
CA GLU A 222 -0.58 31.73 -28.33
C GLU A 222 0.47 31.81 -27.23
N ALA A 223 1.02 30.66 -26.83
CA ALA A 223 2.05 30.61 -25.79
C ALA A 223 3.23 31.46 -26.24
N ALA A 224 3.62 31.28 -27.49
CA ALA A 224 4.75 32.01 -28.06
C ALA A 224 4.52 33.50 -27.97
N ASP A 225 3.34 33.94 -28.39
CA ASP A 225 3.01 35.35 -28.35
C ASP A 225 2.94 35.85 -26.91
N LYS A 226 2.37 35.02 -26.04
CA LYS A 226 2.24 35.37 -24.63
C LYS A 226 3.62 35.63 -24.07
N TRP A 227 4.61 34.90 -24.56
CA TRP A 227 5.98 35.05 -24.09
C TRP A 227 6.61 36.35 -24.59
N VAL A 228 6.59 36.58 -25.90
CA VAL A 228 7.20 37.79 -26.47
C VAL A 228 6.57 39.07 -25.92
N ALA A 229 5.29 39.03 -25.61
CA ALA A 229 4.60 40.18 -25.04
C ALA A 229 5.10 40.39 -23.62
N ALA A 230 5.40 39.29 -22.94
CA ALA A 230 5.89 39.35 -21.58
C ALA A 230 7.27 39.97 -21.57
N VAL A 231 8.09 39.58 -22.54
CA VAL A 231 9.45 40.12 -22.63
C VAL A 231 9.33 41.61 -22.93
N GLY A 232 8.28 41.96 -23.66
CA GLY A 232 8.05 43.34 -24.01
C GLY A 232 8.97 43.79 -25.13
N LYS A 233 8.92 45.08 -25.45
CA LYS A 233 9.78 45.63 -26.49
C LYS A 233 10.79 46.60 -25.93
N ASP A 234 10.86 46.70 -24.61
CA ASP A 234 11.79 47.61 -23.97
C ASP A 234 13.06 46.92 -23.54
N ARG A 235 13.15 45.62 -23.84
CA ARG A 235 14.33 44.83 -23.48
C ARG A 235 14.51 43.67 -24.43
N PRO A 236 15.77 43.27 -24.70
CA PRO A 236 16.11 42.16 -25.60
C PRO A 236 15.72 40.79 -25.03
N PHE A 237 15.94 40.64 -23.73
CA PHE A 237 15.60 39.41 -23.02
C PHE A 237 14.78 39.76 -21.78
N MET A 238 14.00 38.80 -21.28
CA MET A 238 13.22 39.03 -20.08
C MET A 238 14.19 39.43 -18.98
N GLY A 239 15.43 38.97 -19.09
CA GLY A 239 16.44 39.29 -18.10
C GLY A 239 17.06 40.65 -18.34
N GLY A 240 16.58 41.37 -19.34
CA GLY A 240 17.11 42.69 -19.64
C GLY A 240 18.18 42.70 -20.72
N GLN A 241 19.42 42.95 -20.32
CA GLN A 241 20.55 43.00 -21.24
C GLN A 241 20.91 41.58 -21.68
N LYS A 242 21.10 40.70 -20.70
CA LYS A 242 21.43 39.31 -20.92
C LYS A 242 20.22 38.45 -20.56
N PRO A 243 20.15 37.21 -21.08
CA PRO A 243 19.00 36.37 -20.73
C PRO A 243 19.11 35.86 -19.30
N ASN A 244 17.98 35.59 -18.66
CA ASN A 244 18.01 35.03 -17.31
C ASN A 244 17.41 33.63 -17.36
N LEU A 245 17.36 32.96 -16.21
CA LEU A 245 16.82 31.62 -16.13
C LEU A 245 15.48 31.40 -16.84
N ALA A 246 14.67 32.45 -16.97
CA ALA A 246 13.37 32.33 -17.64
C ALA A 246 13.55 32.33 -19.15
N ASP A 247 14.50 33.14 -19.65
CA ASP A 247 14.79 33.21 -21.09
C ASP A 247 15.36 31.87 -21.53
N LEU A 248 16.31 31.37 -20.74
CA LEU A 248 16.99 30.11 -21.00
C LEU A 248 16.07 28.90 -20.82
N ALA A 249 15.02 29.08 -20.01
CA ALA A 249 14.04 28.01 -19.76
C ALA A 249 13.16 27.82 -20.98
N VAL A 250 12.61 28.92 -21.48
CA VAL A 250 11.75 28.87 -22.66
C VAL A 250 12.56 28.51 -23.91
N TYR A 251 13.78 29.03 -24.00
CA TYR A 251 14.63 28.72 -25.14
C TYR A 251 14.93 27.23 -25.13
N GLY A 252 15.41 26.73 -24.00
CA GLY A 252 15.72 25.32 -23.90
C GLY A 252 14.54 24.40 -24.20
N VAL A 253 13.34 24.82 -23.81
CA VAL A 253 12.15 24.00 -24.05
C VAL A 253 11.81 23.97 -25.55
N LEU A 254 11.91 25.12 -26.20
CA LEU A 254 11.60 25.21 -27.63
C LEU A 254 12.63 24.61 -28.58
N ARG A 255 13.93 24.80 -28.27
CA ARG A 255 14.99 24.30 -29.14
C ARG A 255 14.78 22.85 -29.51
N VAL A 256 14.28 22.10 -28.55
CA VAL A 256 14.02 20.68 -28.73
C VAL A 256 13.27 20.33 -30.03
N MET A 257 12.51 21.29 -30.56
CA MET A 257 11.75 21.06 -31.79
C MET A 257 12.48 21.52 -33.04
N GLU A 258 13.68 22.07 -32.87
CA GLU A 258 14.46 22.57 -34.00
C GLU A 258 14.59 21.51 -35.08
N GLY A 259 14.23 21.88 -36.32
CA GLY A 259 14.32 20.93 -37.41
C GLY A 259 13.00 20.29 -37.78
N LEU A 260 12.04 20.34 -36.88
CA LEU A 260 10.72 19.76 -37.13
C LEU A 260 9.76 20.81 -37.68
N ASP A 261 8.70 20.35 -38.34
CA ASP A 261 7.73 21.27 -38.90
C ASP A 261 7.19 22.20 -37.82
N ALA A 262 6.90 21.65 -36.64
CA ALA A 262 6.36 22.44 -35.54
C ALA A 262 7.18 23.71 -35.29
N PHE A 263 8.50 23.54 -35.33
CA PHE A 263 9.41 24.65 -35.10
C PHE A 263 9.38 25.67 -36.23
N ASP A 264 9.34 25.18 -37.47
CA ASP A 264 9.31 26.08 -38.62
C ASP A 264 8.04 26.91 -38.56
N ASP A 265 6.92 26.27 -38.21
CA ASP A 265 5.65 26.96 -38.10
C ASP A 265 5.74 28.00 -36.99
N LEU A 266 6.24 27.57 -35.84
CA LEU A 266 6.40 28.45 -34.69
C LEU A 266 7.07 29.75 -35.11
N MET A 267 8.22 29.65 -35.78
CA MET A 267 8.97 30.81 -36.23
C MET A 267 8.25 31.63 -37.30
N GLN A 268 7.47 30.95 -38.13
CA GLN A 268 6.75 31.60 -39.22
C GLN A 268 5.46 32.32 -38.85
N HIS A 269 4.78 31.85 -37.81
CA HIS A 269 3.51 32.46 -37.42
C HIS A 269 3.49 33.15 -36.04
N THR A 270 4.64 33.41 -35.42
CA THR A 270 4.60 33.99 -34.09
C THR A 270 5.44 35.21 -33.67
N HIS A 271 6.35 35.67 -34.50
CA HIS A 271 7.17 36.81 -34.12
C HIS A 271 8.07 36.46 -32.93
N ILE A 272 8.44 35.19 -32.78
CA ILE A 272 9.28 34.78 -31.66
C ILE A 272 10.73 34.61 -32.05
N GLN A 273 10.98 34.46 -33.35
CA GLN A 273 12.34 34.28 -33.84
C GLN A 273 13.34 35.32 -33.34
N PRO A 274 13.02 36.61 -33.48
CA PRO A 274 13.96 37.63 -33.01
C PRO A 274 14.53 37.36 -31.63
N TRP A 275 13.67 37.06 -30.68
CA TRP A 275 14.13 36.79 -29.33
C TRP A 275 14.87 35.48 -29.33
N TYR A 276 14.31 34.48 -30.01
CA TYR A 276 14.93 33.17 -30.08
C TYR A 276 16.36 33.24 -30.59
N LEU A 277 16.55 33.90 -31.74
CA LEU A 277 17.87 34.06 -32.32
C LEU A 277 18.79 34.86 -31.40
N ARG A 278 18.18 35.79 -30.66
CA ARG A 278 18.93 36.63 -29.72
C ARG A 278 19.53 35.81 -28.59
N VAL A 279 18.76 34.84 -28.09
CA VAL A 279 19.20 33.96 -27.00
C VAL A 279 20.23 32.95 -27.51
N GLU A 280 20.10 32.59 -28.78
CA GLU A 280 21.01 31.64 -29.41
C GLU A 280 22.42 32.23 -29.54
N ARG A 281 22.54 33.44 -30.12
CA ARG A 281 23.85 34.06 -30.27
C ARG A 281 24.44 34.49 -28.95
N ALA A 282 23.60 34.77 -27.98
CA ALA A 282 24.07 35.16 -26.65
C ALA A 282 24.74 33.93 -26.06
N ILE A 283 24.29 32.76 -26.51
CA ILE A 283 24.83 31.50 -26.04
C ILE A 283 26.10 31.16 -26.82
N THR A 284 26.02 31.19 -28.14
CA THR A 284 27.20 30.88 -28.96
C THR A 284 28.32 31.87 -28.68
N GLU A 285 27.97 33.01 -28.10
CA GLU A 285 28.95 34.03 -27.76
C GLU A 285 29.56 33.62 -26.44
N ALA A 286 29.42 32.33 -26.13
CA ALA A 286 29.96 31.74 -24.90
C ALA A 286 29.75 32.67 -23.72
N LEU B 13 -2.82 45.80 12.07
CA LEU B 13 -2.88 44.47 11.40
C LEU B 13 -3.97 43.59 11.99
N GLN B 14 -5.10 43.54 11.30
CA GLN B 14 -6.22 42.73 11.74
C GLN B 14 -6.23 41.43 10.96
N LEU B 15 -6.24 40.32 11.68
CA LEU B 15 -6.24 38.98 11.08
C LEU B 15 -7.58 38.27 11.23
N THR B 16 -8.14 37.81 10.11
CA THR B 16 -9.40 37.07 10.14
C THR B 16 -9.10 35.72 9.52
N LEU B 17 -9.32 34.67 10.30
CA LEU B 17 -9.06 33.31 9.85
C LEU B 17 -10.33 32.52 9.56
N TYR B 18 -10.53 32.18 8.29
CA TYR B 18 -11.68 31.40 7.85
C TYR B 18 -11.23 29.96 7.97
N GLN B 19 -11.94 29.16 8.75
CA GLN B 19 -11.50 27.78 8.97
C GLN B 19 -12.57 26.74 9.23
N TYR B 20 -12.09 25.50 9.38
CA TYR B 20 -12.88 24.34 9.75
C TYR B 20 -12.14 24.03 11.05
N LYS B 21 -12.75 24.33 12.18
CA LYS B 21 -12.11 24.15 13.46
C LYS B 21 -11.36 22.84 13.63
N THR B 22 -12.03 21.73 13.36
CA THR B 22 -11.43 20.41 13.53
C THR B 22 -10.53 19.92 12.40
N CYS B 23 -10.18 20.81 11.48
CA CYS B 23 -9.32 20.45 10.36
C CYS B 23 -7.85 20.70 10.72
N PRO B 24 -6.95 19.76 10.38
CA PRO B 24 -5.52 19.90 10.69
C PRO B 24 -4.84 21.09 10.06
N PHE B 25 -5.39 21.54 8.94
CA PHE B 25 -4.83 22.70 8.23
C PHE B 25 -5.12 24.00 8.96
N CYS B 26 -6.31 24.09 9.57
CA CYS B 26 -6.70 25.29 10.32
C CYS B 26 -6.08 25.26 11.71
N SER B 27 -5.99 24.06 12.29
CA SER B 27 -5.40 23.93 13.61
C SER B 27 -3.95 24.38 13.50
N LYS B 28 -3.33 24.05 12.38
CA LYS B 28 -1.95 24.40 12.13
C LYS B 28 -1.74 25.91 12.20
N VAL B 29 -2.62 26.66 11.55
CA VAL B 29 -2.52 28.12 11.52
C VAL B 29 -2.82 28.70 12.89
N ARG B 30 -3.72 28.06 13.62
CA ARG B 30 -4.08 28.52 14.96
C ARG B 30 -2.91 28.31 15.90
N ALA B 31 -2.29 27.14 15.82
CA ALA B 31 -1.15 26.82 16.66
C ALA B 31 -0.06 27.87 16.49
N PHE B 32 0.10 28.37 15.27
CA PHE B 32 1.11 29.37 14.96
C PHE B 32 0.71 30.75 15.48
N LEU B 33 -0.49 31.20 15.13
CA LEU B 33 -0.97 32.50 15.57
C LEU B 33 -0.98 32.58 17.09
N ASP B 34 -1.53 31.56 17.73
CA ASP B 34 -1.59 31.49 19.18
C ASP B 34 -0.20 31.56 19.82
N PHE B 35 0.72 30.74 19.32
CA PHE B 35 2.07 30.74 19.87
C PHE B 35 2.77 32.08 19.78
N HIS B 36 2.50 32.84 18.73
CA HIS B 36 3.11 34.15 18.56
C HIS B 36 2.18 35.21 19.13
N ALA B 37 1.19 34.73 19.88
CA ALA B 37 0.22 35.60 20.54
C ALA B 37 -0.32 36.66 19.58
N LEU B 38 -0.59 36.26 18.35
CA LEU B 38 -1.12 37.20 17.38
C LEU B 38 -2.63 37.24 17.54
N PRO B 39 -3.21 38.45 17.52
CA PRO B 39 -4.65 38.59 17.66
C PRO B 39 -5.35 38.41 16.32
N TYR B 40 -6.38 37.59 16.31
CA TYR B 40 -7.13 37.33 15.09
C TYR B 40 -8.56 36.95 15.41
N GLN B 41 -9.41 37.05 14.41
CA GLN B 41 -10.80 36.67 14.56
C GLN B 41 -10.98 35.45 13.70
N VAL B 42 -11.87 34.56 14.08
CA VAL B 42 -12.09 33.37 13.30
C VAL B 42 -13.53 33.27 12.84
N VAL B 43 -13.74 33.08 11.55
CA VAL B 43 -15.07 32.91 11.06
C VAL B 43 -15.10 31.44 10.67
N GLU B 44 -15.99 30.69 11.32
CA GLU B 44 -16.14 29.28 11.08
C GLU B 44 -16.91 29.07 9.78
N VAL B 45 -16.34 28.27 8.87
CA VAL B 45 -16.97 28.00 7.58
C VAL B 45 -17.91 26.79 7.66
N ASN B 46 -19.03 26.90 6.94
CA ASN B 46 -20.01 25.82 6.88
C ASN B 46 -19.52 24.89 5.78
N PRO B 47 -19.00 23.71 6.16
CA PRO B 47 -18.48 22.71 5.21
C PRO B 47 -19.42 22.29 4.09
N VAL B 48 -20.72 22.44 4.31
CA VAL B 48 -21.70 22.03 3.31
C VAL B 48 -22.00 23.11 2.29
N LEU B 49 -22.20 24.35 2.74
CA LEU B 49 -22.53 25.43 1.82
C LEU B 49 -21.37 26.38 1.57
N ARG B 50 -20.48 26.48 2.55
CA ARG B 50 -19.29 27.33 2.47
C ARG B 50 -19.53 28.77 2.03
N ALA B 51 -20.70 29.30 2.37
CA ALA B 51 -21.03 30.67 2.00
C ALA B 51 -20.05 31.70 2.59
N GLU B 52 -19.51 31.41 3.76
CA GLU B 52 -18.60 32.35 4.41
C GLU B 52 -17.26 32.50 3.72
N ILE B 53 -17.00 31.66 2.74
CA ILE B 53 -15.73 31.70 2.02
C ILE B 53 -15.98 32.09 0.57
N LYS B 54 -17.22 32.42 0.24
CA LYS B 54 -17.51 32.77 -1.14
C LYS B 54 -17.28 34.26 -1.36
N PHE B 55 -16.02 34.63 -1.33
CA PHE B 55 -15.56 35.99 -1.59
C PHE B 55 -14.19 35.77 -2.20
N SER B 56 -13.72 34.54 -2.04
CA SER B 56 -12.42 34.11 -2.49
C SER B 56 -12.46 33.19 -3.69
N SER B 57 -11.51 33.39 -4.60
CA SER B 57 -11.41 32.56 -5.78
C SER B 57 -10.71 31.29 -5.33
N TYR B 58 -9.98 31.37 -4.22
CA TYR B 58 -9.29 30.21 -3.66
C TYR B 58 -10.39 29.45 -2.93
N ARG B 59 -10.62 28.22 -3.35
CA ARG B 59 -11.70 27.43 -2.80
C ARG B 59 -11.38 26.42 -1.73
N LYS B 60 -10.34 26.68 -0.97
CA LYS B 60 -9.96 25.80 0.12
C LYS B 60 -9.83 26.61 1.38
N VAL B 61 -9.94 25.96 2.53
CA VAL B 61 -9.78 26.63 3.82
C VAL B 61 -8.69 25.87 4.55
N PRO B 62 -7.93 26.53 5.44
CA PRO B 62 -8.03 27.94 5.82
C PRO B 62 -7.66 28.96 4.78
N ILE B 63 -8.18 30.16 4.99
CA ILE B 63 -7.90 31.32 4.17
C ILE B 63 -7.70 32.38 5.24
N LEU B 64 -6.70 33.22 5.11
CA LEU B 64 -6.50 34.26 6.11
C LEU B 64 -6.31 35.59 5.42
N VAL B 65 -7.18 36.55 5.72
CA VAL B 65 -7.03 37.87 5.13
C VAL B 65 -6.48 38.84 6.19
N ALA B 66 -5.39 39.50 5.84
CA ALA B 66 -4.78 40.45 6.74
C ALA B 66 -5.10 41.85 6.26
N GLN B 67 -5.71 42.64 7.14
CA GLN B 67 -6.08 44.01 6.81
C GLN B 67 -5.14 44.95 7.53
N GLU B 68 -4.55 45.87 6.78
CA GLU B 68 -3.64 46.85 7.33
C GLU B 68 -4.22 48.20 6.94
N GLY B 69 -5.07 48.72 7.82
CA GLY B 69 -5.72 49.99 7.53
C GLY B 69 -6.71 49.81 6.40
N GLU B 70 -6.40 50.41 5.26
CA GLU B 70 -7.26 50.33 4.09
C GLU B 70 -6.88 49.14 3.21
N SER B 71 -5.64 48.70 3.33
CA SER B 71 -5.13 47.59 2.55
C SER B 71 -5.45 46.24 3.19
N SER B 72 -5.47 45.20 2.38
CA SER B 72 -5.74 43.85 2.85
C SER B 72 -5.14 42.83 1.89
N GLN B 73 -4.76 41.68 2.43
CA GLN B 73 -4.17 40.62 1.63
C GLN B 73 -4.80 39.30 2.01
N GLN B 74 -4.97 38.42 1.03
CA GLN B 74 -5.52 37.09 1.30
C GLN B 74 -4.40 36.07 1.21
N LEU B 75 -4.13 35.37 2.31
CA LEU B 75 -3.08 34.36 2.34
C LEU B 75 -3.82 33.03 2.27
N ASN B 76 -3.59 32.28 1.21
CA ASN B 76 -4.31 31.03 1.01
C ASN B 76 -3.85 29.70 1.58
N ASP B 77 -2.66 29.25 1.25
CA ASP B 77 -2.28 27.94 1.77
C ASP B 77 -1.87 27.95 3.24
N SER B 78 -2.33 26.95 3.98
CA SER B 78 -2.04 26.85 5.40
C SER B 78 -0.56 26.94 5.73
N SER B 79 0.28 26.45 4.82
CA SER B 79 1.73 26.49 5.04
C SER B 79 2.27 27.84 4.56
N VAL B 80 1.60 28.42 3.57
CA VAL B 80 2.00 29.71 3.03
C VAL B 80 1.63 30.82 4.03
N ILE B 81 0.46 30.70 4.64
CA ILE B 81 0.02 31.69 5.63
C ILE B 81 1.06 31.79 6.75
N ILE B 82 1.46 30.64 7.28
CA ILE B 82 2.43 30.56 8.37
C ILE B 82 3.81 31.06 7.95
N SER B 83 4.22 30.73 6.73
CA SER B 83 5.52 31.15 6.20
C SER B 83 5.54 32.65 5.96
N ALA B 84 4.47 33.17 5.35
CA ALA B 84 4.38 34.60 5.05
C ALA B 84 4.26 35.45 6.31
N LEU B 85 3.33 35.08 7.20
CA LEU B 85 3.10 35.80 8.44
C LEU B 85 4.34 35.77 9.31
N LYS B 86 5.10 34.68 9.23
CA LYS B 86 6.32 34.49 10.00
C LYS B 86 7.48 35.35 9.50
N THR B 87 7.78 35.28 8.19
CA THR B 87 8.86 36.10 7.65
C THR B 87 8.50 37.57 7.88
N TYR B 88 7.21 37.85 7.98
CA TYR B 88 6.74 39.20 8.23
C TYR B 88 7.06 39.65 9.66
N LEU B 89 6.87 38.75 10.61
CA LEU B 89 7.15 39.07 12.01
C LEU B 89 8.63 39.31 12.25
N VAL B 90 9.49 38.71 11.43
CA VAL B 90 10.94 38.86 11.58
C VAL B 90 11.53 39.97 10.73
N SER B 91 11.09 40.03 9.47
CA SER B 91 11.59 41.04 8.53
C SER B 91 10.80 42.34 8.50
N GLY B 92 9.54 42.30 8.91
CA GLY B 92 8.73 43.49 8.90
C GLY B 92 8.43 43.99 7.50
N GLN B 93 8.91 43.27 6.49
CA GLN B 93 8.67 43.64 5.11
C GLN B 93 7.18 43.57 4.84
N PRO B 94 6.67 44.49 4.01
CA PRO B 94 5.23 44.51 3.68
C PRO B 94 4.69 43.13 3.28
N LEU B 95 3.52 42.79 3.85
CA LEU B 95 2.87 41.51 3.58
C LEU B 95 2.50 41.33 2.11
N GLU B 96 2.22 42.43 1.43
CA GLU B 96 1.84 42.38 0.02
C GLU B 96 3.01 42.01 -0.87
N GLU B 97 4.22 42.17 -0.34
CA GLU B 97 5.42 41.83 -1.08
C GLU B 97 5.78 40.40 -0.73
N ILE B 98 5.74 40.10 0.56
CA ILE B 98 6.08 38.77 1.04
C ILE B 98 5.25 37.68 0.38
N ILE B 99 3.93 37.88 0.31
CA ILE B 99 3.06 36.86 -0.29
C ILE B 99 3.38 36.67 -1.76
N THR B 100 4.23 37.53 -2.27
CA THR B 100 4.63 37.47 -3.67
C THR B 100 5.70 36.39 -3.90
N TYR B 101 6.36 35.99 -2.83
CA TYR B 101 7.41 34.98 -2.88
C TYR B 101 6.87 33.56 -2.76
N TYR B 102 5.56 33.42 -2.54
CA TYR B 102 4.93 32.12 -2.45
C TYR B 102 3.81 32.13 -3.47
N PRO B 103 4.15 31.95 -4.75
CA PRO B 103 3.20 31.94 -5.85
C PRO B 103 2.40 30.68 -6.03
N ALA B 104 1.17 30.82 -6.51
CA ALA B 104 0.33 29.68 -6.78
C ALA B 104 0.80 29.11 -8.12
N MET B 105 1.25 27.86 -8.11
CA MET B 105 1.73 27.24 -9.33
C MET B 105 0.72 26.25 -9.90
N LYS B 106 -0.01 26.70 -10.91
CA LYS B 106 -1.03 25.88 -11.55
C LYS B 106 -0.43 24.89 -12.53
N ALA B 107 -1.06 23.73 -12.64
CA ALA B 107 -0.63 22.68 -13.55
C ALA B 107 -1.80 21.72 -13.72
N VAL B 108 -1.86 21.05 -14.87
CA VAL B 108 -2.91 20.08 -15.11
C VAL B 108 -2.39 18.69 -14.80
N ASN B 109 -3.10 18.00 -13.91
CA ASN B 109 -2.74 16.66 -13.46
C ASN B 109 -2.69 15.66 -14.60
N ASP B 110 -2.10 14.51 -14.31
CA ASP B 110 -1.96 13.44 -15.29
C ASP B 110 -3.34 12.82 -15.53
N GLN B 111 -4.33 13.31 -14.80
CA GLN B 111 -5.70 12.82 -14.92
C GLN B 111 -6.57 13.92 -15.51
N GLY B 112 -5.96 15.07 -15.79
CA GLY B 112 -6.68 16.18 -16.37
C GLY B 112 -7.18 17.20 -15.36
N LYS B 113 -6.88 16.99 -14.09
CA LYS B 113 -7.33 17.89 -13.03
C LYS B 113 -6.33 19.03 -12.82
N GLU B 114 -6.84 20.24 -12.63
CA GLU B 114 -5.99 21.39 -12.41
C GLU B 114 -5.59 21.51 -10.95
N VAL B 115 -4.33 21.15 -10.66
CA VAL B 115 -3.83 21.23 -9.31
C VAL B 115 -3.09 22.55 -9.11
N THR B 116 -3.05 23.03 -7.87
CA THR B 116 -2.38 24.27 -7.56
C THR B 116 -1.50 24.08 -6.33
N GLU B 117 -0.19 24.20 -6.53
CA GLU B 117 0.77 24.06 -5.45
C GLU B 117 1.36 25.45 -5.23
N PHE B 118 1.86 25.71 -4.03
CA PHE B 118 2.44 27.02 -3.74
C PHE B 118 3.95 26.97 -3.63
N GLY B 119 4.62 27.74 -4.48
CA GLY B 119 6.06 27.75 -4.46
C GLY B 119 6.66 28.21 -3.16
N ASN B 120 7.81 27.62 -2.83
CA ASN B 120 8.58 27.95 -1.64
C ASN B 120 7.76 28.00 -0.36
N LYS B 121 6.67 27.25 -0.29
CA LYS B 121 5.80 27.30 0.89
C LYS B 121 6.41 26.99 2.24
N TYR B 122 7.50 26.24 2.29
CA TYR B 122 8.12 25.91 3.57
C TYR B 122 9.42 26.66 3.79
N TRP B 123 9.64 27.73 3.01
CA TRP B 123 10.85 28.54 3.14
C TRP B 123 10.51 29.95 3.54
N LEU B 124 11.12 30.40 4.63
CA LEU B 124 10.89 31.75 5.12
C LEU B 124 11.78 32.67 4.30
N MET B 125 11.20 33.74 3.77
CA MET B 125 11.97 34.66 2.94
C MET B 125 12.68 35.63 3.90
N LEU B 126 13.81 35.16 4.42
CA LEU B 126 14.61 35.90 5.39
C LEU B 126 16.03 36.14 4.89
N ASN B 127 16.65 37.23 5.37
CA ASN B 127 18.03 37.52 4.98
C ASN B 127 18.97 36.93 6.02
N GLU B 128 20.25 36.88 5.71
CA GLU B 128 21.24 36.31 6.61
C GLU B 128 21.00 36.75 8.06
N LYS B 129 20.97 38.06 8.26
CA LYS B 129 20.77 38.63 9.60
C LYS B 129 19.62 37.98 10.35
N GLU B 130 18.40 38.18 9.86
CA GLU B 130 17.22 37.63 10.50
C GLU B 130 17.22 36.11 10.59
N ALA B 131 17.80 35.45 9.59
CA ALA B 131 17.86 34.00 9.58
C ALA B 131 18.68 33.53 10.78
N GLN B 132 19.82 34.17 11.01
CA GLN B 132 20.68 33.81 12.14
C GLN B 132 19.92 34.05 13.42
N GLN B 133 19.00 35.01 13.37
CA GLN B 133 18.18 35.38 14.51
C GLN B 133 17.10 34.34 14.87
N VAL B 134 16.61 33.60 13.87
CA VAL B 134 15.56 32.62 14.14
C VAL B 134 16.01 31.16 14.04
N TYR B 135 17.17 30.92 13.46
CA TYR B 135 17.62 29.54 13.35
C TYR B 135 18.94 29.28 14.04
N SER B 136 19.08 28.03 14.43
CA SER B 136 20.29 27.57 15.09
C SER B 136 21.48 27.69 14.15
N GLY B 137 21.27 27.28 12.90
CA GLY B 137 22.30 27.30 11.89
C GLY B 137 21.68 26.82 10.60
N LYS B 138 22.45 26.76 9.53
CA LYS B 138 21.94 26.31 8.23
C LYS B 138 21.19 24.99 8.27
N GLU B 139 21.68 24.05 9.07
CA GLU B 139 21.07 22.73 9.18
C GLU B 139 19.76 22.71 9.96
N ALA B 140 19.55 23.72 10.79
CA ALA B 140 18.31 23.83 11.56
C ALA B 140 17.21 24.37 10.67
N ARG B 141 17.58 25.20 9.71
CA ARG B 141 16.63 25.80 8.79
C ARG B 141 16.05 24.79 7.80
N THR B 142 16.89 23.93 7.23
CA THR B 142 16.42 22.94 6.28
C THR B 142 15.79 21.75 6.98
N GLU B 143 16.02 21.62 8.28
CA GLU B 143 15.45 20.51 9.02
C GLU B 143 13.97 20.75 9.28
N GLU B 144 13.59 21.96 9.70
CA GLU B 144 12.18 22.24 9.97
C GLU B 144 11.40 22.20 8.67
N MET B 145 12.03 22.64 7.60
CA MET B 145 11.43 22.63 6.27
C MET B 145 11.05 21.18 5.95
N LYS B 146 11.97 20.25 6.20
CA LYS B 146 11.72 18.84 5.92
C LYS B 146 10.62 18.27 6.80
N TRP B 147 10.57 18.72 8.05
CA TRP B 147 9.57 18.23 8.97
C TRP B 147 8.22 18.93 8.83
N ARG B 148 8.25 20.10 8.22
CA ARG B 148 7.03 20.83 7.95
C ARG B 148 6.27 20.04 6.88
N GLN B 149 7.02 19.60 5.88
CA GLN B 149 6.48 18.82 4.77
C GLN B 149 5.99 17.44 5.23
N TRP B 150 6.72 16.83 6.15
CA TRP B 150 6.34 15.53 6.67
C TRP B 150 4.99 15.64 7.35
N ALA B 151 4.85 16.63 8.22
CA ALA B 151 3.59 16.83 8.94
C ALA B 151 2.36 16.80 8.04
N ASP B 152 2.37 17.51 6.93
CA ASP B 152 1.16 17.47 6.12
C ASP B 152 1.15 16.52 4.94
N ASP B 153 2.29 15.92 4.61
CA ASP B 153 2.32 14.98 3.50
C ASP B 153 2.24 13.55 3.99
N TRP B 154 2.64 13.33 5.23
CA TRP B 154 2.51 12.00 5.79
C TRP B 154 1.63 11.94 7.02
N LEU B 155 1.90 12.79 8.00
CA LEU B 155 1.14 12.78 9.25
C LEU B 155 -0.36 12.98 9.15
N VAL B 156 -0.82 14.00 8.43
CA VAL B 156 -2.26 14.23 8.35
C VAL B 156 -3.01 13.03 7.77
N HIS B 157 -2.35 12.30 6.86
CA HIS B 157 -2.96 11.13 6.24
C HIS B 157 -3.26 10.00 7.24
N LEU B 158 -2.77 10.14 8.46
CA LEU B 158 -3.00 9.13 9.51
C LEU B 158 -4.15 9.49 10.45
N ILE B 159 -4.69 10.70 10.30
CA ILE B 159 -5.79 11.17 11.13
C ILE B 159 -7.09 10.45 10.83
N SER B 160 -7.63 10.69 9.64
CA SER B 160 -8.89 10.08 9.22
C SER B 160 -8.97 8.58 9.43
N PRO B 161 -8.11 7.81 8.75
CA PRO B 161 -8.18 6.37 8.95
C PRO B 161 -8.20 5.96 10.41
N ASN B 162 -7.64 6.80 11.28
CA ASN B 162 -7.58 6.49 12.70
C ASN B 162 -8.79 6.95 13.51
N VAL B 163 -9.37 8.11 13.16
CA VAL B 163 -10.52 8.63 13.89
C VAL B 163 -11.84 8.11 13.34
N TYR B 164 -11.78 7.47 12.18
CA TYR B 164 -12.96 6.89 11.53
C TYR B 164 -12.72 5.40 11.35
N ARG B 165 -11.72 4.88 12.05
CA ARG B 165 -11.33 3.47 11.94
C ARG B 165 -12.39 2.48 12.36
N THR B 166 -13.27 2.89 13.25
CA THR B 166 -14.34 2.02 13.76
C THR B 166 -15.66 2.79 13.71
N PRO B 167 -16.80 2.10 13.49
CA PRO B 167 -18.10 2.79 13.43
C PRO B 167 -18.44 3.64 14.65
N THR B 168 -18.04 3.16 15.82
CA THR B 168 -18.27 3.90 17.05
C THR B 168 -17.40 5.16 17.01
N GLU B 169 -16.16 5.00 16.59
CA GLU B 169 -15.24 6.12 16.49
C GLU B 169 -15.69 7.13 15.45
N ALA B 170 -16.19 6.64 14.31
CA ALA B 170 -16.65 7.52 13.25
C ALA B 170 -17.75 8.43 13.78
N LEU B 171 -18.69 7.88 14.55
CA LEU B 171 -19.80 8.66 15.10
C LEU B 171 -19.33 9.70 16.11
N ALA B 172 -18.35 9.32 16.93
CA ALA B 172 -17.79 10.24 17.93
C ALA B 172 -17.07 11.39 17.24
N SER B 173 -16.39 11.07 16.15
CA SER B 173 -15.63 12.04 15.36
C SER B 173 -16.54 13.08 14.75
N PHE B 174 -17.60 12.63 14.08
CA PHE B 174 -18.54 13.55 13.46
C PHE B 174 -19.40 14.28 14.46
N ASP B 175 -19.56 13.72 15.64
CA ASP B 175 -20.33 14.37 16.67
C ASP B 175 -19.53 15.60 17.05
N TYR B 176 -18.23 15.38 17.25
CA TYR B 176 -17.28 16.41 17.62
C TYR B 176 -17.09 17.42 16.50
N ILE B 177 -17.10 16.95 15.25
CA ILE B 177 -16.93 17.84 14.10
C ILE B 177 -18.13 18.78 13.98
N VAL B 178 -19.33 18.21 14.06
CA VAL B 178 -20.56 19.01 13.95
C VAL B 178 -20.72 19.93 15.17
N ARG B 179 -20.37 19.43 16.35
CA ARG B 179 -20.48 20.20 17.58
C ARG B 179 -19.47 21.34 17.55
N GLU B 180 -18.25 21.03 17.11
CA GLU B 180 -17.16 22.00 17.03
C GLU B 180 -17.28 22.93 15.82
N GLY B 181 -17.84 22.43 14.72
CA GLY B 181 -17.96 23.23 13.52
C GLY B 181 -19.25 24.00 13.35
N LYS B 182 -19.51 24.46 12.13
CA LYS B 182 -20.71 25.23 11.81
C LYS B 182 -21.64 24.51 10.85
N PHE B 183 -22.73 23.96 11.40
CA PHE B 183 -23.72 23.24 10.62
C PHE B 183 -25.11 23.66 11.07
N GLY B 184 -26.05 23.76 10.15
CA GLY B 184 -27.40 24.11 10.53
C GLY B 184 -27.92 22.95 11.37
N ALA B 185 -28.80 23.24 12.33
CA ALA B 185 -29.36 22.20 13.19
C ALA B 185 -29.82 20.97 12.40
N VAL B 186 -30.29 21.20 11.18
CA VAL B 186 -30.77 20.12 10.30
C VAL B 186 -29.64 19.32 9.66
N GLU B 187 -28.79 19.99 8.88
CA GLU B 187 -27.67 19.34 8.21
C GLU B 187 -26.66 18.80 9.23
N GLY B 188 -26.76 19.28 10.46
CA GLY B 188 -25.87 18.82 11.50
C GLY B 188 -26.24 17.39 11.80
N ALA B 189 -27.53 17.16 12.07
CA ALA B 189 -28.06 15.84 12.38
C ALA B 189 -27.78 14.86 11.24
N VAL B 190 -27.97 15.34 10.01
CA VAL B 190 -27.73 14.51 8.83
C VAL B 190 -26.26 14.14 8.80
N ALA B 191 -25.41 15.15 8.67
CA ALA B 191 -23.97 14.96 8.61
C ALA B 191 -23.41 14.10 9.74
N LYS B 192 -24.04 14.16 10.90
CA LYS B 192 -23.59 13.39 12.04
C LYS B 192 -23.63 11.89 11.79
N TYR B 193 -24.73 11.42 11.20
CA TYR B 193 -24.90 9.99 10.92
C TYR B 193 -24.51 9.63 9.50
N MET B 194 -24.92 10.45 8.55
CA MET B 194 -24.59 10.23 7.15
C MET B 194 -23.09 10.41 6.93
N GLY B 195 -22.54 11.46 7.51
CA GLY B 195 -21.12 11.75 7.35
C GLY B 195 -20.21 10.74 8.04
N ALA B 196 -20.66 10.25 9.18
CA ALA B 196 -19.85 9.27 9.90
C ALA B 196 -19.75 8.00 9.05
N ALA B 197 -20.86 7.63 8.41
CA ALA B 197 -20.92 6.44 7.56
C ALA B 197 -20.02 6.59 6.35
N ALA B 198 -20.21 7.67 5.60
CA ALA B 198 -19.42 7.94 4.41
C ALA B 198 -17.93 7.95 4.73
N MET B 199 -17.55 8.65 5.79
CA MET B 199 -16.15 8.76 6.22
C MET B 199 -15.55 7.45 6.71
N TYR B 200 -16.38 6.62 7.34
CA TYR B 200 -15.91 5.35 7.85
C TYR B 200 -15.49 4.47 6.65
N LEU B 201 -16.34 4.46 5.63
CA LEU B 201 -16.08 3.68 4.42
C LEU B 201 -14.99 4.34 3.60
N ILE B 202 -15.18 5.62 3.29
CA ILE B 202 -14.22 6.39 2.52
C ILE B 202 -12.80 6.30 3.07
N SER B 203 -12.68 6.23 4.39
CA SER B 203 -11.36 6.15 5.01
C SER B 203 -10.76 4.74 4.87
N LYS B 204 -11.62 3.76 4.61
CA LYS B 204 -11.16 2.39 4.45
C LYS B 204 -10.28 2.35 3.20
N ARG B 205 -10.59 3.23 2.25
CA ARG B 205 -9.85 3.34 1.00
C ARG B 205 -8.68 4.30 1.14
N LEU B 206 -8.84 5.33 1.96
CA LEU B 206 -7.77 6.29 2.20
C LEU B 206 -6.63 5.53 2.84
N LYS B 207 -7.00 4.58 3.70
CA LYS B 207 -6.01 3.76 4.39
C LYS B 207 -5.22 2.93 3.38
N SER B 208 -5.90 2.43 2.35
CA SER B 208 -5.27 1.61 1.33
C SER B 208 -4.46 2.45 0.34
N ARG B 209 -5.13 3.45 -0.24
CA ARG B 209 -4.49 4.33 -1.21
C ARG B 209 -3.16 4.89 -0.68
N HIS B 210 -3.14 5.24 0.61
CA HIS B 210 -1.94 5.78 1.24
C HIS B 210 -0.98 4.73 1.78
N ARG B 211 -1.22 3.47 1.42
CA ARG B 211 -0.34 2.39 1.86
C ARG B 211 -0.17 2.29 3.38
N LEU B 212 -1.29 2.29 4.10
CA LEU B 212 -1.26 2.20 5.55
C LEU B 212 -1.44 0.74 5.95
N GLN B 213 -0.95 0.38 7.14
CA GLN B 213 -1.07 -0.99 7.62
C GLN B 213 -2.52 -1.25 7.94
N ASP B 214 -2.82 -2.49 8.31
CA ASP B 214 -4.18 -2.85 8.67
C ASP B 214 -4.49 -2.24 10.02
N ASN B 215 -3.50 -2.26 10.91
CA ASN B 215 -3.67 -1.67 12.22
C ASN B 215 -3.14 -0.26 12.06
N VAL B 216 -4.02 0.62 11.60
CA VAL B 216 -3.70 2.02 11.35
C VAL B 216 -3.10 2.71 12.55
N ARG B 217 -3.42 2.20 13.74
CA ARG B 217 -2.93 2.74 14.99
C ARG B 217 -1.42 2.64 15.01
N GLU B 218 -0.91 1.54 14.44
CA GLU B 218 0.52 1.28 14.41
C GLU B 218 1.23 2.28 13.52
N ASP B 219 0.56 2.73 12.46
CA ASP B 219 1.14 3.70 11.55
C ASP B 219 1.23 5.01 12.31
N LEU B 220 0.25 5.26 13.17
CA LEU B 220 0.20 6.47 13.98
C LEU B 220 1.32 6.47 15.01
N TYR B 221 1.53 5.35 15.68
CA TYR B 221 2.56 5.24 16.71
C TYR B 221 3.96 5.37 16.14
N GLU B 222 4.16 4.78 14.97
CA GLU B 222 5.46 4.84 14.30
C GLU B 222 5.82 6.29 13.97
N ALA B 223 4.88 7.01 13.39
CA ALA B 223 5.10 8.40 13.03
C ALA B 223 5.41 9.18 14.29
N ALA B 224 4.62 8.96 15.33
CA ALA B 224 4.82 9.64 16.60
C ALA B 224 6.23 9.40 17.14
N ASP B 225 6.66 8.15 17.12
CA ASP B 225 7.99 7.77 17.60
C ASP B 225 9.08 8.35 16.70
N LYS B 226 8.83 8.33 15.40
CA LYS B 226 9.75 8.86 14.42
C LYS B 226 9.98 10.34 14.69
N TRP B 227 8.94 11.00 15.18
CA TRP B 227 9.01 12.42 15.49
C TRP B 227 9.83 12.68 16.75
N VAL B 228 9.47 12.03 17.86
CA VAL B 228 10.18 12.24 19.11
C VAL B 228 11.66 11.90 19.03
N ALA B 229 12.00 10.93 18.19
CA ALA B 229 13.39 10.53 18.00
C ALA B 229 14.10 11.65 17.23
N ALA B 230 13.37 12.26 16.30
CA ALA B 230 13.91 13.34 15.50
C ALA B 230 14.21 14.52 16.41
N VAL B 231 13.27 14.83 17.32
CA VAL B 231 13.46 15.93 18.26
C VAL B 231 14.67 15.61 19.13
N GLY B 232 14.86 14.32 19.40
CA GLY B 232 15.98 13.90 20.22
C GLY B 232 15.74 14.16 21.69
N LYS B 233 16.74 13.90 22.51
CA LYS B 233 16.60 14.13 23.94
C LYS B 233 17.52 15.25 24.41
N ASP B 234 18.18 15.91 23.46
CA ASP B 234 19.09 16.99 23.80
C ASP B 234 18.41 18.34 23.72
N ARG B 235 17.11 18.32 23.41
CA ARG B 235 16.38 19.56 23.28
C ARG B 235 14.90 19.33 23.52
N PRO B 236 14.21 20.32 24.11
CA PRO B 236 12.77 20.26 24.40
C PRO B 236 11.89 20.24 23.15
N PHE B 237 12.24 21.06 22.17
CA PHE B 237 11.51 21.15 20.92
C PHE B 237 12.49 21.01 19.78
N MET B 238 12.00 20.63 18.61
CA MET B 238 12.87 20.50 17.45
C MET B 238 13.53 21.85 17.21
N GLY B 239 12.83 22.91 17.62
CA GLY B 239 13.36 24.26 17.47
C GLY B 239 14.36 24.63 18.56
N GLY B 240 14.70 23.69 19.44
CA GLY B 240 15.64 23.96 20.51
C GLY B 240 15.01 24.38 21.82
N GLN B 241 15.16 25.65 22.17
CA GLN B 241 14.59 26.21 23.41
C GLN B 241 13.08 26.39 23.25
N LYS B 242 12.69 27.04 22.16
CA LYS B 242 11.29 27.29 21.85
C LYS B 242 10.91 26.46 20.62
N PRO B 243 9.61 26.20 20.44
CA PRO B 243 9.22 25.40 19.27
C PRO B 243 9.35 26.22 17.99
N ASN B 244 9.59 25.53 16.88
CA ASN B 244 9.67 26.21 15.58
C ASN B 244 8.52 25.73 14.71
N LEU B 245 8.42 26.27 13.51
CA LEU B 245 7.35 25.92 12.59
C LEU B 245 7.12 24.41 12.44
N ALA B 246 8.16 23.59 12.67
CA ALA B 246 8.01 22.14 12.55
C ALA B 246 7.31 21.58 13.77
N ASP B 247 7.66 22.09 14.96
CA ASP B 247 7.04 21.66 16.21
C ASP B 247 5.56 22.02 16.18
N LEU B 248 5.29 23.26 15.78
CA LEU B 248 3.93 23.78 15.69
C LEU B 248 3.13 23.09 14.58
N ALA B 249 3.81 22.59 13.57
CA ALA B 249 3.14 21.92 12.45
C ALA B 249 2.63 20.55 12.89
N VAL B 250 3.48 19.81 13.59
CA VAL B 250 3.10 18.49 14.10
C VAL B 250 2.08 18.62 15.22
N TYR B 251 2.29 19.59 16.10
CA TYR B 251 1.36 19.82 17.19
C TYR B 251 -0.01 20.13 16.61
N GLY B 252 -0.04 21.13 15.73
CA GLY B 252 -1.30 21.53 15.13
C GLY B 252 -2.02 20.40 14.42
N VAL B 253 -1.26 19.54 13.77
CA VAL B 253 -1.86 18.42 13.06
C VAL B 253 -2.47 17.41 14.05
N LEU B 254 -1.76 17.12 15.14
CA LEU B 254 -2.24 16.16 16.14
C LEU B 254 -3.35 16.64 17.07
N ARG B 255 -3.31 17.92 17.47
CA ARG B 255 -4.31 18.46 18.39
C ARG B 255 -5.72 18.19 17.92
N VAL B 256 -5.88 18.19 16.61
CA VAL B 256 -7.17 17.97 15.97
C VAL B 256 -7.90 16.70 16.46
N MET B 257 -7.13 15.74 16.96
CA MET B 257 -7.71 14.49 17.47
C MET B 257 -7.98 14.51 18.96
N GLU B 258 -7.58 15.59 19.64
CA GLU B 258 -7.79 15.70 21.08
C GLU B 258 -9.22 15.34 21.44
N GLY B 259 -9.39 14.49 22.44
CA GLY B 259 -10.72 14.10 22.86
C GLY B 259 -11.20 12.79 22.28
N LEU B 260 -10.60 12.36 21.17
CA LEU B 260 -10.98 11.11 20.53
C LEU B 260 -10.11 9.97 21.02
N ASP B 261 -10.58 8.74 20.81
CA ASP B 261 -9.84 7.56 21.25
C ASP B 261 -8.46 7.54 20.61
N ALA B 262 -8.39 7.90 19.33
CA ALA B 262 -7.12 7.92 18.60
C ALA B 262 -6.07 8.69 19.38
N PHE B 263 -6.46 9.86 19.89
CA PHE B 263 -5.55 10.70 20.64
C PHE B 263 -5.12 10.07 21.96
N ASP B 264 -6.07 9.50 22.70
CA ASP B 264 -5.77 8.85 23.96
C ASP B 264 -4.78 7.72 23.75
N ASP B 265 -4.99 6.95 22.69
CA ASP B 265 -4.10 5.85 22.36
C ASP B 265 -2.72 6.42 22.04
N LEU B 266 -2.70 7.43 21.18
CA LEU B 266 -1.46 8.08 20.79
C LEU B 266 -0.61 8.38 22.02
N MET B 267 -1.22 9.08 22.97
CA MET B 267 -0.54 9.48 24.20
C MET B 267 -0.10 8.30 25.07
N GLN B 268 -0.93 7.25 25.07
CA GLN B 268 -0.69 6.05 25.87
C GLN B 268 0.34 5.06 25.36
N HIS B 269 0.52 4.98 24.03
CA HIS B 269 1.48 4.04 23.47
C HIS B 269 2.67 4.64 22.72
N THR B 270 2.94 5.93 22.85
CA THR B 270 4.03 6.51 22.08
C THR B 270 5.12 7.38 22.70
N HIS B 271 5.00 7.76 23.95
CA HIS B 271 6.02 8.62 24.55
C HIS B 271 6.06 9.98 23.86
N ILE B 272 4.92 10.43 23.31
CA ILE B 272 4.89 11.71 22.63
C ILE B 272 4.30 12.82 23.49
N GLN B 273 3.63 12.43 24.57
CA GLN B 273 3.00 13.39 25.47
C GLN B 273 3.93 14.46 26.02
N PRO B 274 5.09 14.06 26.57
CA PRO B 274 6.02 15.07 27.11
C PRO B 274 6.25 16.25 26.16
N TRP B 275 6.55 15.96 24.90
CA TRP B 275 6.78 17.03 23.94
C TRP B 275 5.49 17.76 23.65
N TYR B 276 4.42 16.99 23.48
CA TYR B 276 3.12 17.56 23.18
C TYR B 276 2.69 18.58 24.24
N LEU B 277 2.74 18.17 25.50
CA LEU B 277 2.37 19.05 26.60
C LEU B 277 3.31 20.24 26.65
N ARG B 278 4.56 20.01 26.27
CA ARG B 278 5.58 21.05 26.27
C ARG B 278 5.23 22.15 25.26
N VAL B 279 4.75 21.75 24.08
CA VAL B 279 4.38 22.70 23.05
C VAL B 279 3.08 23.41 23.43
N GLU B 280 2.26 22.71 24.20
CA GLU B 280 0.98 23.24 24.65
C GLU B 280 1.15 24.38 25.63
N ARG B 281 1.98 24.18 26.66
CA ARG B 281 2.20 25.23 27.66
C ARG B 281 3.03 26.36 27.10
N ALA B 282 3.87 26.06 26.13
CA ALA B 282 4.69 27.09 25.51
C ALA B 282 3.71 28.04 24.81
N ILE B 283 2.59 27.48 24.35
CA ILE B 283 1.56 28.24 23.67
C ILE B 283 0.71 29.00 24.66
N THR B 284 0.17 28.31 25.67
CA THR B 284 -0.66 28.96 26.67
C THR B 284 0.13 30.03 27.41
N GLU B 285 1.44 29.93 27.35
CA GLU B 285 2.30 30.91 28.00
C GLU B 285 2.37 32.11 27.07
N ALA B 286 1.40 32.18 26.17
CA ALA B 286 1.31 33.26 25.19
C ALA B 286 2.69 33.60 24.65
N LEU C 13 -13.90 -21.89 34.51
CA LEU C 13 -13.92 -21.58 33.05
C LEU C 13 -15.23 -20.89 32.65
N GLN C 14 -15.18 -19.56 32.56
CA GLN C 14 -16.34 -18.76 32.18
C GLN C 14 -16.24 -18.42 30.70
N LEU C 15 -17.29 -18.76 29.96
CA LEU C 15 -17.33 -18.51 28.52
C LEU C 15 -18.30 -17.39 28.16
N THR C 16 -17.80 -16.40 27.41
CA THR C 16 -18.67 -15.32 26.95
C THR C 16 -18.59 -15.37 25.44
N LEU C 17 -19.75 -15.51 24.80
CA LEU C 17 -19.82 -15.58 23.36
C LEU C 17 -20.44 -14.34 22.73
N TYR C 18 -19.62 -13.59 22.00
CA TYR C 18 -20.06 -12.37 21.32
C TYR C 18 -20.57 -12.86 19.97
N GLN C 19 -21.84 -12.61 19.67
CA GLN C 19 -22.38 -13.13 18.41
C GLN C 19 -23.46 -12.31 17.71
N TYR C 20 -23.86 -12.83 16.55
CA TYR C 20 -24.97 -12.28 15.76
C TYR C 20 -25.85 -13.52 15.83
N LYS C 21 -26.88 -13.48 16.64
CA LYS C 21 -27.74 -14.64 16.84
C LYS C 21 -28.08 -15.41 15.57
N THR C 22 -28.66 -14.72 14.58
CA THR C 22 -29.06 -15.34 13.32
C THR C 22 -27.95 -15.68 12.31
N CYS C 23 -26.68 -15.57 12.72
CA CYS C 23 -25.57 -15.85 11.83
C CYS C 23 -25.13 -17.31 11.94
N PRO C 24 -24.87 -17.98 10.80
CA PRO C 24 -24.44 -19.38 10.80
C PRO C 24 -23.14 -19.65 11.54
N PHE C 25 -22.29 -18.64 11.64
CA PHE C 25 -21.02 -18.80 12.33
C PHE C 25 -21.19 -18.83 13.84
N CYS C 26 -22.18 -18.09 14.32
CA CYS C 26 -22.48 -18.03 15.75
C CYS C 26 -23.33 -19.22 16.13
N SER C 27 -24.25 -19.60 15.25
CA SER C 27 -25.10 -20.74 15.51
C SER C 27 -24.23 -21.98 15.63
N LYS C 28 -23.17 -22.01 14.84
CA LYS C 28 -22.24 -23.13 14.85
C LYS C 28 -21.59 -23.32 16.20
N VAL C 29 -21.16 -22.22 16.79
CA VAL C 29 -20.51 -22.25 18.10
C VAL C 29 -21.49 -22.60 19.20
N ARG C 30 -22.73 -22.12 19.06
CA ARG C 30 -23.77 -22.41 20.03
C ARG C 30 -24.14 -23.89 19.98
N ALA C 31 -24.30 -24.43 18.77
CA ALA C 31 -24.64 -25.84 18.60
C ALA C 31 -23.62 -26.73 19.30
N PHE C 32 -22.36 -26.30 19.27
CA PHE C 32 -21.27 -27.04 19.91
C PHE C 32 -21.29 -26.90 21.42
N LEU C 33 -21.30 -25.65 21.90
CA LEU C 33 -21.32 -25.40 23.33
C LEU C 33 -22.54 -26.06 23.99
N ASP C 34 -23.69 -25.92 23.34
CA ASP C 34 -24.92 -26.51 23.84
C ASP C 34 -24.81 -28.03 23.90
N PHE C 35 -24.34 -28.64 22.82
CA PHE C 35 -24.22 -30.09 22.78
C PHE C 35 -23.33 -30.65 23.87
N HIS C 36 -22.30 -29.90 24.24
CA HIS C 36 -21.39 -30.37 25.27
C HIS C 36 -21.84 -29.77 26.60
N ALA C 37 -23.06 -29.24 26.60
CA ALA C 37 -23.65 -28.65 27.80
C ALA C 37 -22.68 -27.71 28.50
N LEU C 38 -21.97 -26.91 27.72
CA LEU C 38 -21.01 -25.98 28.29
C LEU C 38 -21.75 -24.69 28.66
N PRO C 39 -21.49 -24.17 29.86
CA PRO C 39 -22.15 -22.95 30.31
C PRO C 39 -21.41 -21.73 29.77
N TYR C 40 -22.17 -20.83 29.16
CA TYR C 40 -21.60 -19.62 28.59
C TYR C 40 -22.63 -18.51 28.60
N GLN C 41 -22.14 -17.27 28.49
CA GLN C 41 -22.99 -16.11 28.45
C GLN C 41 -22.85 -15.57 27.04
N VAL C 42 -23.89 -14.97 26.52
CA VAL C 42 -23.83 -14.43 25.18
C VAL C 42 -24.13 -12.94 25.17
N VAL C 43 -23.25 -12.18 24.53
CA VAL C 43 -23.51 -10.75 24.42
C VAL C 43 -23.76 -10.56 22.93
N GLU C 44 -24.97 -10.11 22.63
CA GLU C 44 -25.42 -9.89 21.27
C GLU C 44 -24.79 -8.61 20.73
N VAL C 45 -24.12 -8.72 19.59
CA VAL C 45 -23.45 -7.59 18.97
C VAL C 45 -24.37 -6.82 18.03
N ASN C 46 -24.24 -5.49 18.07
CA ASN C 46 -25.04 -4.62 17.21
C ASN C 46 -24.32 -4.58 15.87
N PRO C 47 -24.87 -5.27 14.86
CA PRO C 47 -24.26 -5.32 13.53
C PRO C 47 -23.93 -3.98 12.90
N VAL C 48 -24.63 -2.92 13.29
CA VAL C 48 -24.41 -1.60 12.74
C VAL C 48 -23.25 -0.85 13.39
N LEU C 49 -23.21 -0.81 14.71
CA LEU C 49 -22.14 -0.10 15.41
C LEU C 49 -21.07 -1.02 15.98
N ARG C 50 -21.47 -2.23 16.34
CA ARG C 50 -20.54 -3.24 16.88
C ARG C 50 -19.71 -2.78 18.08
N ALA C 51 -20.26 -1.88 18.89
CA ALA C 51 -19.56 -1.39 20.06
C ALA C 51 -19.20 -2.50 21.03
N GLU C 52 -20.05 -3.51 21.14
CA GLU C 52 -19.80 -4.59 22.09
C GLU C 52 -18.62 -5.46 21.75
N ILE C 53 -18.05 -5.27 20.56
CA ILE C 53 -16.91 -6.10 20.12
C ILE C 53 -15.67 -5.22 19.99
N LYS C 54 -15.81 -3.96 20.35
CA LYS C 54 -14.68 -3.06 20.21
C LYS C 54 -13.80 -3.12 21.44
N PHE C 55 -13.16 -4.27 21.61
CA PHE C 55 -12.21 -4.54 22.69
C PHE C 55 -11.22 -5.49 22.03
N SER C 56 -11.65 -5.99 20.88
CA SER C 56 -10.91 -6.97 20.12
C SER C 56 -10.31 -6.41 18.85
N SER C 57 -9.09 -6.84 18.54
CA SER C 57 -8.42 -6.41 17.34
C SER C 57 -9.00 -7.25 16.20
N TYR C 58 -9.58 -8.40 16.56
CA TYR C 58 -10.21 -9.30 15.59
C TYR C 58 -11.56 -8.64 15.34
N ARG C 59 -11.83 -8.30 14.08
CA ARG C 59 -13.03 -7.57 13.74
C ARG C 59 -14.19 -8.35 13.17
N LYS C 60 -14.27 -9.63 13.51
CA LYS C 60 -15.36 -10.49 13.03
C LYS C 60 -16.00 -11.16 14.23
N VAL C 61 -17.25 -11.59 14.07
CA VAL C 61 -17.93 -12.31 15.14
C VAL C 61 -18.39 -13.62 14.51
N PRO C 62 -18.51 -14.68 15.31
CA PRO C 62 -18.29 -14.75 16.76
C PRO C 62 -16.87 -14.60 17.28
N ILE C 63 -16.80 -14.19 18.54
CA ILE C 63 -15.55 -14.05 19.27
C ILE C 63 -15.90 -14.71 20.58
N LEU C 64 -15.02 -15.52 21.14
CA LEU C 64 -15.32 -16.15 22.42
C LEU C 64 -14.14 -15.97 23.35
N VAL C 65 -14.37 -15.32 24.48
CA VAL C 65 -13.29 -15.14 25.44
C VAL C 65 -13.51 -16.08 26.62
N ALA C 66 -12.50 -16.89 26.90
CA ALA C 66 -12.56 -17.85 27.99
C ALA C 66 -11.77 -17.30 29.16
N GLN C 67 -12.43 -17.15 30.30
CA GLN C 67 -11.78 -16.64 31.50
C GLN C 67 -11.58 -17.80 32.47
N GLU C 68 -10.35 -17.96 32.92
CA GLU C 68 -10.00 -19.02 33.87
C GLU C 68 -9.40 -18.29 35.06
N GLY C 69 -10.25 -17.91 36.00
CA GLY C 69 -9.78 -17.19 37.16
C GLY C 69 -9.35 -15.79 36.76
N GLU C 70 -8.06 -15.53 36.82
CA GLU C 70 -7.50 -14.24 36.46
C GLU C 70 -7.12 -14.19 34.98
N SER C 71 -6.85 -15.37 34.42
CA SER C 71 -6.46 -15.47 33.02
C SER C 71 -7.66 -15.52 32.09
N SER C 72 -7.42 -15.17 30.82
CA SER C 72 -8.47 -15.17 29.82
C SER C 72 -7.84 -15.27 28.44
N GLN C 73 -8.56 -15.90 27.52
CA GLN C 73 -8.10 -16.08 26.15
C GLN C 73 -9.22 -15.73 25.19
N GLN C 74 -8.85 -15.15 24.05
CA GLN C 74 -9.85 -14.79 23.05
C GLN C 74 -9.71 -15.76 21.89
N LEU C 75 -10.76 -16.53 21.61
CA LEU C 75 -10.76 -17.48 20.51
C LEU C 75 -11.57 -16.81 19.41
N ASN C 76 -10.91 -16.53 18.29
CA ASN C 76 -11.57 -15.83 17.21
C ASN C 76 -12.36 -16.55 16.14
N ASP C 77 -11.75 -17.43 15.38
CA ASP C 77 -12.53 -18.06 14.32
C ASP C 77 -13.56 -19.08 14.80
N SER C 78 -14.76 -19.01 14.26
CA SER C 78 -15.84 -19.93 14.63
C SER C 78 -15.44 -21.39 14.58
N SER C 79 -14.57 -21.74 13.64
CA SER C 79 -14.11 -23.11 13.50
C SER C 79 -12.96 -23.35 14.46
N VAL C 80 -12.21 -22.29 14.73
CA VAL C 80 -11.07 -22.40 15.64
C VAL C 80 -11.56 -22.50 17.09
N ILE C 81 -12.61 -21.76 17.41
CA ILE C 81 -13.18 -21.78 18.76
C ILE C 81 -13.60 -23.21 19.09
N ILE C 82 -14.35 -23.82 18.17
CA ILE C 82 -14.85 -25.18 18.32
C ILE C 82 -13.73 -26.20 18.40
N SER C 83 -12.71 -26.03 17.58
CA SER C 83 -11.55 -26.92 17.55
C SER C 83 -10.74 -26.82 18.83
N ALA C 84 -10.51 -25.59 19.28
CA ALA C 84 -9.73 -25.36 20.50
C ALA C 84 -10.47 -25.78 21.76
N LEU C 85 -11.73 -25.37 21.87
CA LEU C 85 -12.55 -25.71 23.04
C LEU C 85 -12.73 -27.23 23.13
N LYS C 86 -12.78 -27.88 21.97
CA LYS C 86 -12.97 -29.32 21.89
C LYS C 86 -11.71 -30.10 22.31
N THR C 87 -10.56 -29.79 21.70
CA THR C 87 -9.33 -30.49 22.06
C THR C 87 -9.07 -30.25 23.55
N TYR C 88 -9.61 -29.15 24.07
CA TYR C 88 -9.46 -28.80 25.48
C TYR C 88 -10.31 -29.70 26.35
N LEU C 89 -11.51 -30.02 25.89
CA LEU C 89 -12.40 -30.88 26.63
C LEU C 89 -11.88 -32.31 26.71
N VAL C 90 -11.09 -32.70 25.71
CA VAL C 90 -10.54 -34.05 25.66
C VAL C 90 -9.13 -34.15 26.25
N SER C 91 -8.27 -33.20 25.92
CA SER C 91 -6.89 -33.21 26.40
C SER C 91 -6.67 -32.47 27.72
N GLY C 92 -7.55 -31.53 28.05
CA GLY C 92 -7.39 -30.78 29.29
C GLY C 92 -6.19 -29.87 29.27
N GLN C 93 -5.46 -29.85 28.17
CA GLN C 93 -4.28 -29.00 28.02
C GLN C 93 -4.71 -27.53 28.11
N PRO C 94 -3.87 -26.68 28.71
CA PRO C 94 -4.21 -25.27 28.84
C PRO C 94 -4.69 -24.64 27.54
N LEU C 95 -5.78 -23.89 27.63
CA LEU C 95 -6.36 -23.21 26.48
C LEU C 95 -5.39 -22.22 25.84
N GLU C 96 -4.53 -21.62 26.65
CA GLU C 96 -3.56 -20.65 26.16
C GLU C 96 -2.50 -21.30 25.31
N GLU C 97 -2.36 -22.62 25.44
CA GLU C 97 -1.38 -23.35 24.65
C GLU C 97 -2.07 -23.89 23.43
N ILE C 98 -3.29 -24.38 23.62
CA ILE C 98 -4.07 -24.92 22.53
C ILE C 98 -4.35 -23.91 21.42
N ILE C 99 -4.76 -22.70 21.79
CA ILE C 99 -5.05 -21.66 20.78
C ILE C 99 -3.80 -21.29 20.00
N THR C 100 -2.67 -21.78 20.47
CA THR C 100 -1.38 -21.51 19.86
C THR C 100 -1.17 -22.38 18.61
N TYR C 101 -1.93 -23.47 18.52
CA TYR C 101 -1.82 -24.39 17.39
C TYR C 101 -2.73 -24.00 16.22
N TYR C 102 -3.52 -22.94 16.42
CA TYR C 102 -4.39 -22.44 15.36
C TYR C 102 -4.02 -20.96 15.19
N PRO C 103 -2.92 -20.69 14.48
CA PRO C 103 -2.44 -19.33 14.24
C PRO C 103 -3.15 -18.58 13.15
N ALA C 104 -3.18 -17.26 13.30
CA ALA C 104 -3.81 -16.41 12.31
C ALA C 104 -2.79 -16.22 11.22
N MET C 105 -3.11 -16.65 10.01
CA MET C 105 -2.19 -16.54 8.90
C MET C 105 -2.56 -15.40 7.96
N LYS C 106 -1.85 -14.28 8.11
CA LYS C 106 -2.09 -13.10 7.31
C LYS C 106 -1.43 -13.18 5.93
N ALA C 107 -2.09 -12.59 4.94
CA ALA C 107 -1.60 -12.57 3.57
C ALA C 107 -2.35 -11.48 2.82
N VAL C 108 -1.73 -10.94 1.79
CA VAL C 108 -2.38 -9.90 1.01
C VAL C 108 -2.98 -10.56 -0.22
N ASN C 109 -4.27 -10.32 -0.40
CA ASN C 109 -5.00 -10.90 -1.52
C ASN C 109 -4.46 -10.45 -2.86
N ASP C 110 -4.90 -11.13 -3.91
CA ASP C 110 -4.49 -10.83 -5.27
C ASP C 110 -5.13 -9.52 -5.69
N GLN C 111 -5.95 -8.95 -4.81
CA GLN C 111 -6.62 -7.69 -5.08
C GLN C 111 -6.08 -6.61 -4.15
N GLY C 112 -5.13 -6.99 -3.30
CA GLY C 112 -4.52 -6.06 -2.38
C GLY C 112 -5.13 -6.04 -0.99
N LYS C 113 -6.11 -6.91 -0.76
CA LYS C 113 -6.77 -6.97 0.55
C LYS C 113 -6.07 -7.93 1.48
N GLU C 114 -5.96 -7.55 2.75
CA GLU C 114 -5.30 -8.38 3.74
C GLU C 114 -6.26 -9.41 4.31
N VAL C 115 -6.12 -10.66 3.89
CA VAL C 115 -6.97 -11.73 4.39
C VAL C 115 -6.28 -12.43 5.54
N THR C 116 -7.06 -13.04 6.42
CA THR C 116 -6.53 -13.75 7.57
C THR C 116 -7.22 -15.11 7.69
N GLU C 117 -6.46 -16.17 7.50
CA GLU C 117 -6.98 -17.53 7.60
C GLU C 117 -6.34 -18.13 8.83
N PHE C 118 -7.01 -19.10 9.45
CA PHE C 118 -6.45 -19.73 10.65
C PHE C 118 -5.93 -21.12 10.39
N GLY C 119 -4.65 -21.33 10.67
CA GLY C 119 -4.05 -22.62 10.43
C GLY C 119 -4.67 -23.76 11.24
N ASN C 120 -4.69 -24.94 10.63
CA ASN C 120 -5.21 -26.15 11.25
C ASN C 120 -6.58 -25.99 11.92
N LYS C 121 -7.38 -25.06 11.43
CA LYS C 121 -8.68 -24.80 12.05
C LYS C 121 -9.67 -25.97 12.13
N TYR C 122 -9.50 -27.00 11.31
CA TYR C 122 -10.43 -28.14 11.35
C TYR C 122 -9.74 -29.38 11.89
N TRP C 123 -8.61 -29.20 12.55
CA TRP C 123 -7.86 -30.31 13.11
C TRP C 123 -7.75 -30.16 14.63
N LEU C 124 -8.23 -31.16 15.35
CA LEU C 124 -8.16 -31.15 16.80
C LEU C 124 -6.74 -31.54 17.17
N MET C 125 -6.14 -30.80 18.10
CA MET C 125 -4.77 -31.12 18.49
C MET C 125 -4.85 -32.17 19.58
N LEU C 126 -4.99 -33.42 19.15
CA LEU C 126 -5.13 -34.57 20.05
C LEU C 126 -4.03 -35.61 19.84
N ASN C 127 -3.69 -36.35 20.89
CA ASN C 127 -2.68 -37.39 20.79
C ASN C 127 -3.37 -38.71 20.47
N GLU C 128 -2.59 -39.72 20.10
CA GLU C 128 -3.15 -41.03 19.76
C GLU C 128 -4.23 -41.48 20.74
N LYS C 129 -3.87 -41.51 22.02
CA LYS C 129 -4.81 -41.91 23.06
C LYS C 129 -6.18 -41.25 22.94
N GLU C 130 -6.23 -39.93 23.14
CA GLU C 130 -7.48 -39.19 23.08
C GLU C 130 -8.16 -39.27 21.72
N ALA C 131 -7.38 -39.33 20.64
CA ALA C 131 -7.96 -39.40 19.30
C ALA C 131 -8.76 -40.69 19.16
N GLN C 132 -8.22 -41.79 19.68
CA GLN C 132 -8.89 -43.09 19.61
C GLN C 132 -10.16 -43.00 20.44
N GLN C 133 -10.11 -42.14 21.45
CA GLN C 133 -11.21 -41.92 22.35
C GLN C 133 -12.36 -41.15 21.71
N VAL C 134 -12.06 -40.28 20.74
CA VAL C 134 -13.12 -39.50 20.11
C VAL C 134 -13.44 -39.87 18.67
N TYR C 135 -12.58 -40.64 18.01
CA TYR C 135 -12.86 -41.03 16.62
C TYR C 135 -13.00 -42.53 16.38
N SER C 136 -13.77 -42.87 15.35
CA SER C 136 -13.97 -44.28 15.01
C SER C 136 -12.65 -44.87 14.58
N GLY C 137 -11.91 -44.11 13.78
CA GLY C 137 -10.62 -44.54 13.27
C GLY C 137 -10.06 -43.41 12.44
N LYS C 138 -8.85 -43.59 11.92
CA LYS C 138 -8.19 -42.59 11.07
C LYS C 138 -9.07 -41.96 10.01
N GLU C 139 -9.89 -42.77 9.36
CA GLU C 139 -10.77 -42.28 8.30
C GLU C 139 -11.96 -41.47 8.82
N ALA C 140 -12.33 -41.65 10.09
CA ALA C 140 -13.44 -40.92 10.68
C ALA C 140 -12.98 -39.51 11.03
N ARG C 141 -11.71 -39.38 11.35
CA ARG C 141 -11.12 -38.10 11.72
C ARG C 141 -10.98 -37.14 10.53
N THR C 142 -10.50 -37.65 9.39
CA THR C 142 -10.34 -36.82 8.21
C THR C 142 -11.65 -36.59 7.48
N GLU C 143 -12.66 -37.39 7.81
CA GLU C 143 -13.95 -37.24 7.15
C GLU C 143 -14.71 -36.06 7.72
N GLU C 144 -14.67 -35.87 9.03
CA GLU C 144 -15.38 -34.76 9.65
C GLU C 144 -14.68 -33.46 9.27
N MET C 145 -13.37 -33.55 9.16
CA MET C 145 -12.56 -32.40 8.78
C MET C 145 -13.03 -31.92 7.40
N LYS C 146 -13.23 -32.86 6.49
CA LYS C 146 -13.68 -32.54 5.15
C LYS C 146 -15.10 -31.99 5.13
N TRP C 147 -15.95 -32.50 6.01
CA TRP C 147 -17.32 -32.04 6.06
C TRP C 147 -17.50 -30.76 6.86
N ARG C 148 -16.51 -30.48 7.71
CA ARG C 148 -16.53 -29.26 8.49
C ARG C 148 -16.31 -28.12 7.50
N GLN C 149 -15.35 -28.32 6.61
CA GLN C 149 -15.00 -27.34 5.58
C GLN C 149 -16.12 -27.16 4.57
N TRP C 150 -16.83 -28.24 4.26
CA TRP C 150 -17.93 -28.18 3.31
C TRP C 150 -19.01 -27.28 3.87
N ALA C 151 -19.34 -27.49 5.14
CA ALA C 151 -20.38 -26.72 5.82
C ALA C 151 -20.21 -25.22 5.64
N ASP C 152 -19.02 -24.70 5.91
CA ASP C 152 -18.89 -23.26 5.77
C ASP C 152 -18.34 -22.73 4.45
N ASP C 153 -17.78 -23.61 3.61
CA ASP C 153 -17.26 -23.13 2.33
C ASP C 153 -18.28 -23.32 1.22
N TRP C 154 -19.20 -24.27 1.40
CA TRP C 154 -20.24 -24.43 0.40
C TRP C 154 -21.65 -24.22 0.92
N LEU C 155 -21.99 -24.86 2.05
CA LEU C 155 -23.33 -24.77 2.60
C LEU C 155 -23.79 -23.39 3.01
N VAL C 156 -22.98 -22.64 3.78
CA VAL C 156 -23.43 -21.32 4.18
C VAL C 156 -23.76 -20.44 2.99
N HIS C 157 -23.02 -20.61 1.89
CA HIS C 157 -23.26 -19.82 0.69
C HIS C 157 -24.66 -20.00 0.09
N LEU C 158 -25.40 -21.00 0.58
CA LEU C 158 -26.75 -21.27 0.08
C LEU C 158 -27.84 -20.65 0.93
N ILE C 159 -27.48 -20.15 2.12
CA ILE C 159 -28.41 -19.51 3.05
C ILE C 159 -29.00 -18.21 2.52
N SER C 160 -28.15 -17.21 2.33
CA SER C 160 -28.60 -15.91 1.86
C SER C 160 -29.41 -15.97 0.59
N PRO C 161 -28.82 -16.44 -0.52
CA PRO C 161 -29.60 -16.50 -1.77
C PRO C 161 -30.98 -17.12 -1.59
N ASN C 162 -31.07 -18.05 -0.64
CA ASN C 162 -32.32 -18.74 -0.37
C ASN C 162 -33.32 -18.03 0.53
N VAL C 163 -32.83 -17.33 1.56
CA VAL C 163 -33.71 -16.62 2.49
C VAL C 163 -34.01 -15.19 2.04
N TYR C 164 -33.32 -14.73 1.00
CA TYR C 164 -33.51 -13.38 0.44
C TYR C 164 -33.91 -13.52 -1.02
N ARG C 165 -34.18 -14.76 -1.42
CA ARG C 165 -34.54 -15.08 -2.78
C ARG C 165 -35.75 -14.36 -3.36
N THR C 166 -36.67 -13.96 -2.49
CA THR C 166 -37.86 -13.25 -2.92
C THR C 166 -38.09 -12.02 -2.03
N PRO C 167 -38.68 -10.95 -2.56
CA PRO C 167 -38.90 -9.75 -1.74
C PRO C 167 -39.64 -10.01 -0.45
N THR C 168 -40.65 -10.87 -0.51
CA THR C 168 -41.44 -11.23 0.65
C THR C 168 -40.55 -11.94 1.64
N GLU C 169 -39.75 -12.86 1.12
CA GLU C 169 -38.82 -13.62 1.95
C GLU C 169 -37.74 -12.71 2.55
N ALA C 170 -37.27 -11.74 1.77
CA ALA C 170 -36.25 -10.84 2.26
C ALA C 170 -36.74 -10.10 3.50
N LEU C 171 -37.97 -9.60 3.43
CA LEU C 171 -38.58 -8.88 4.55
C LEU C 171 -38.77 -9.76 5.78
N ALA C 172 -39.21 -10.99 5.57
CA ALA C 172 -39.42 -11.91 6.69
C ALA C 172 -38.09 -12.22 7.36
N SER C 173 -37.04 -12.32 6.55
CA SER C 173 -35.70 -12.63 7.03
C SER C 173 -35.17 -11.51 7.91
N PHE C 174 -35.26 -10.28 7.42
CA PHE C 174 -34.76 -9.15 8.17
C PHE C 174 -35.62 -8.81 9.36
N ASP C 175 -36.88 -9.23 9.31
CA ASP C 175 -37.78 -8.99 10.43
C ASP C 175 -37.22 -9.85 11.56
N TYR C 176 -36.94 -11.10 11.22
CA TYR C 176 -36.41 -12.10 12.13
C TYR C 176 -35.00 -11.75 12.62
N ILE C 177 -34.20 -11.16 11.73
CA ILE C 177 -32.83 -10.77 12.09
C ILE C 177 -32.85 -9.64 13.08
N VAL C 178 -33.67 -8.62 12.81
CA VAL C 178 -33.79 -7.46 13.70
C VAL C 178 -34.48 -7.85 15.01
N ARG C 179 -35.50 -8.70 14.95
CA ARG C 179 -36.21 -9.14 16.15
C ARG C 179 -35.28 -10.01 17.00
N GLU C 180 -34.56 -10.92 16.34
CA GLU C 180 -33.63 -11.84 17.00
C GLU C 180 -32.30 -11.18 17.42
N GLY C 181 -31.86 -10.18 16.66
CA GLY C 181 -30.61 -9.50 16.96
C GLY C 181 -30.71 -8.26 17.83
N LYS C 182 -29.63 -7.48 17.85
CA LYS C 182 -29.55 -6.24 18.65
C LYS C 182 -29.46 -4.98 17.80
N PHE C 183 -30.59 -4.28 17.68
CA PHE C 183 -30.68 -3.04 16.90
C PHE C 183 -31.48 -2.01 17.69
N GLY C 184 -31.11 -0.74 17.57
CA GLY C 184 -31.84 0.29 18.24
C GLY C 184 -33.22 0.34 17.58
N ALA C 185 -34.25 0.68 18.35
CA ALA C 185 -35.61 0.77 17.81
C ALA C 185 -35.66 1.51 16.48
N VAL C 186 -34.78 2.49 16.31
CA VAL C 186 -34.71 3.30 15.09
C VAL C 186 -34.03 2.58 13.93
N GLU C 187 -32.77 2.17 14.13
CA GLU C 187 -32.01 1.48 13.10
C GLU C 187 -32.63 0.12 12.80
N GLY C 188 -33.46 -0.35 13.72
CA GLY C 188 -34.11 -1.63 13.53
C GLY C 188 -35.10 -1.46 12.40
N ALA C 189 -35.94 -0.43 12.52
CA ALA C 189 -36.95 -0.13 11.50
C ALA C 189 -36.31 0.13 10.14
N VAL C 190 -35.21 0.86 10.15
CA VAL C 190 -34.50 1.16 8.91
C VAL C 190 -33.98 -0.14 8.31
N ALA C 191 -33.13 -0.82 9.06
CA ALA C 191 -32.52 -2.08 8.61
C ALA C 191 -33.56 -3.10 8.13
N LYS C 192 -34.74 -3.09 8.74
CA LYS C 192 -35.78 -4.04 8.38
C LYS C 192 -36.19 -3.92 6.92
N TYR C 193 -36.40 -2.68 6.46
CA TYR C 193 -36.81 -2.42 5.09
C TYR C 193 -35.64 -2.12 4.16
N MET C 194 -34.71 -1.30 4.64
CA MET C 194 -33.53 -0.96 3.86
C MET C 194 -32.64 -2.18 3.69
N GLY C 195 -32.43 -2.92 4.78
CA GLY C 195 -31.59 -4.10 4.74
C GLY C 195 -32.19 -5.24 3.91
N ALA C 196 -33.51 -5.36 3.95
CA ALA C 196 -34.17 -6.42 3.19
C ALA C 196 -33.95 -6.17 1.70
N ALA C 197 -34.07 -4.91 1.30
CA ALA C 197 -33.88 -4.52 -0.10
C ALA C 197 -32.44 -4.78 -0.55
N ALA C 198 -31.49 -4.22 0.19
CA ALA C 198 -30.09 -4.38 -0.13
C ALA C 198 -29.73 -5.85 -0.27
N MET C 199 -30.14 -6.65 0.72
CA MET C 199 -29.84 -8.08 0.72
C MET C 199 -30.52 -8.85 -0.37
N TYR C 200 -31.71 -8.42 -0.75
CA TYR C 200 -32.44 -9.11 -1.81
C TYR C 200 -31.66 -8.94 -3.13
N LEU C 201 -31.17 -7.73 -3.36
CA LEU C 201 -30.40 -7.43 -4.57
C LEU C 201 -28.99 -8.02 -4.45
N ILE C 202 -28.32 -7.69 -3.36
CA ILE C 202 -26.97 -8.16 -3.12
C ILE C 202 -26.85 -9.69 -3.25
N SER C 203 -27.90 -10.41 -2.85
CA SER C 203 -27.86 -11.86 -2.93
C SER C 203 -28.07 -12.35 -4.36
N LYS C 204 -28.62 -11.49 -5.20
CA LYS C 204 -28.83 -11.84 -6.60
C LYS C 204 -27.47 -12.05 -7.24
N ARG C 205 -26.47 -11.31 -6.73
CA ARG C 205 -25.12 -11.40 -7.22
C ARG C 205 -24.35 -12.51 -6.49
N LEU C 206 -24.66 -12.70 -5.22
CA LEU C 206 -24.02 -13.75 -4.42
C LEU C 206 -24.36 -15.08 -5.08
N LYS C 207 -25.58 -15.18 -5.57
CA LYS C 207 -26.06 -16.38 -6.24
C LYS C 207 -25.25 -16.64 -7.50
N SER C 208 -24.90 -15.57 -8.21
CA SER C 208 -24.14 -15.69 -9.44
C SER C 208 -22.66 -15.93 -9.17
N ARG C 209 -22.06 -15.06 -8.37
CA ARG C 209 -20.64 -15.18 -8.04
C ARG C 209 -20.30 -16.58 -7.55
N HIS C 210 -21.19 -17.15 -6.74
CA HIS C 210 -20.98 -18.50 -6.21
C HIS C 210 -21.43 -19.64 -7.13
N ARG C 211 -21.74 -19.30 -8.37
CA ARG C 211 -22.16 -20.30 -9.34
C ARG C 211 -23.35 -21.14 -8.89
N LEU C 212 -24.41 -20.47 -8.44
CA LEU C 212 -25.62 -21.16 -7.99
C LEU C 212 -26.61 -21.22 -9.14
N GLN C 213 -27.51 -22.20 -9.11
CA GLN C 213 -28.50 -22.33 -10.18
C GLN C 213 -29.49 -21.19 -10.05
N ASP C 214 -30.40 -21.10 -11.02
CA ASP C 214 -31.41 -20.07 -10.99
C ASP C 214 -32.39 -20.38 -9.87
N ASN C 215 -32.73 -21.66 -9.73
CA ASN C 215 -33.64 -22.08 -8.68
C ASN C 215 -32.70 -22.46 -7.54
N VAL C 216 -32.34 -21.46 -6.75
CA VAL C 216 -31.43 -21.63 -5.62
C VAL C 216 -31.87 -22.70 -4.65
N ARG C 217 -33.17 -22.96 -4.64
CA ARG C 217 -33.75 -23.96 -3.76
C ARG C 217 -33.16 -25.32 -4.11
N GLU C 218 -32.96 -25.54 -5.40
CA GLU C 218 -32.42 -26.81 -5.89
C GLU C 218 -31.00 -27.01 -5.41
N ASP C 219 -30.23 -25.93 -5.31
CA ASP C 219 -28.86 -26.02 -4.84
C ASP C 219 -28.93 -26.45 -3.38
N LEU C 220 -29.92 -25.92 -2.66
CA LEU C 220 -30.11 -26.23 -1.25
C LEU C 220 -30.46 -27.71 -1.06
N TYR C 221 -31.41 -28.20 -1.85
CA TYR C 221 -31.83 -29.59 -1.75
C TYR C 221 -30.70 -30.55 -2.10
N GLU C 222 -29.95 -30.23 -3.15
CA GLU C 222 -28.82 -31.06 -3.55
C GLU C 222 -27.83 -31.19 -2.40
N ALA C 223 -27.44 -30.06 -1.81
CA ALA C 223 -26.49 -30.08 -0.70
C ALA C 223 -27.05 -30.92 0.44
N ALA C 224 -28.33 -30.73 0.72
CA ALA C 224 -28.99 -31.46 1.80
C ALA C 224 -28.92 -32.96 1.55
N ASP C 225 -29.24 -33.37 0.32
CA ASP C 225 -29.20 -34.77 -0.04
C ASP C 225 -27.79 -35.32 -0.02
N LYS C 226 -26.85 -34.50 -0.49
CA LYS C 226 -25.44 -34.88 -0.52
C LYS C 226 -24.98 -35.17 0.90
N TRP C 227 -25.56 -34.44 1.85
CA TRP C 227 -25.21 -34.62 3.25
C TRP C 227 -25.77 -35.92 3.83
N VAL C 228 -27.08 -36.13 3.68
CA VAL C 228 -27.71 -37.33 4.21
C VAL C 228 -27.14 -38.62 3.61
N ALA C 229 -26.72 -38.57 2.36
CA ALA C 229 -26.13 -39.73 1.69
C ALA C 229 -24.76 -39.97 2.31
N ALA C 230 -24.08 -38.88 2.68
CA ALA C 230 -22.76 -38.98 3.27
C ALA C 230 -22.87 -39.64 4.64
N VAL C 231 -23.89 -39.24 5.40
CA VAL C 231 -24.10 -39.80 6.73
C VAL C 231 -24.41 -41.28 6.56
N GLY C 232 -25.08 -41.60 5.45
CA GLY C 232 -25.44 -42.98 5.16
C GLY C 232 -26.64 -43.40 5.98
N LYS C 233 -26.98 -44.68 5.89
CA LYS C 233 -28.11 -45.22 6.63
C LYS C 233 -27.65 -46.22 7.66
N ASP C 234 -26.35 -46.36 7.82
CA ASP C 234 -25.78 -47.30 8.79
C ASP C 234 -25.45 -46.63 10.10
N ARG C 235 -25.75 -45.34 10.20
CA ARG C 235 -25.46 -44.58 11.41
C ARG C 235 -26.40 -43.40 11.54
N PRO C 236 -26.76 -43.04 12.79
CA PRO C 236 -27.66 -41.91 13.08
C PRO C 236 -27.03 -40.56 12.77
N PHE C 237 -25.75 -40.42 13.09
CA PHE C 237 -25.00 -39.20 12.84
C PHE C 237 -23.70 -39.55 12.12
N MET C 238 -23.12 -38.60 11.40
CA MET C 238 -21.87 -38.84 10.71
C MET C 238 -20.85 -39.30 11.76
N GLY C 239 -21.06 -38.86 12.99
CA GLY C 239 -20.15 -39.23 14.07
C GLY C 239 -20.46 -40.60 14.66
N GLY C 240 -21.43 -41.28 14.08
CA GLY C 240 -21.79 -42.61 14.58
C GLY C 240 -22.95 -42.61 15.55
N GLN C 241 -22.67 -42.90 16.81
CA GLN C 241 -23.68 -42.93 17.85
C GLN C 241 -24.12 -41.52 18.19
N LYS C 242 -23.12 -40.67 18.48
CA LYS C 242 -23.35 -39.27 18.81
C LYS C 242 -22.86 -38.39 17.66
N PRO C 243 -23.37 -37.15 17.58
CA PRO C 243 -22.90 -36.29 16.48
C PRO C 243 -21.48 -35.80 16.73
N ASN C 244 -20.73 -35.54 15.66
CA ASN C 244 -19.39 -35.02 15.80
C ASN C 244 -19.36 -33.60 15.25
N LEU C 245 -18.20 -32.96 15.30
CA LEU C 245 -18.06 -31.60 14.80
C LEU C 245 -18.65 -31.34 13.41
N ALA C 246 -18.73 -32.38 12.57
CA ALA C 246 -19.30 -32.23 11.23
C ALA C 246 -20.83 -32.18 11.28
N ASP C 247 -21.43 -33.00 12.15
CA ASP C 247 -22.89 -33.04 12.31
C ASP C 247 -23.35 -31.70 12.90
N LEU C 248 -22.62 -31.25 13.92
CA LEU C 248 -22.92 -29.98 14.60
C LEU C 248 -22.64 -28.78 13.69
N ALA C 249 -21.74 -28.95 12.73
CA ALA C 249 -21.39 -27.86 11.81
C ALA C 249 -22.52 -27.63 10.81
N VAL C 250 -23.03 -28.70 10.24
CA VAL C 250 -24.13 -28.62 9.27
C VAL C 250 -25.42 -28.22 9.97
N TYR C 251 -25.64 -28.77 11.17
CA TYR C 251 -26.83 -28.45 11.93
C TYR C 251 -26.80 -26.96 12.26
N GLY C 252 -25.69 -26.50 12.84
CA GLY C 252 -25.54 -25.10 13.20
C GLY C 252 -25.76 -24.14 12.06
N VAL C 253 -25.28 -24.52 10.88
CA VAL C 253 -25.42 -23.70 9.68
C VAL C 253 -26.88 -23.63 9.22
N LEU C 254 -27.56 -24.76 9.24
CA LEU C 254 -28.96 -24.81 8.80
C LEU C 254 -29.99 -24.25 9.77
N ARG C 255 -29.79 -24.47 11.08
CA ARG C 255 -30.74 -23.99 12.09
C ARG C 255 -31.05 -22.51 11.89
N VAL C 256 -30.04 -21.77 11.48
CA VAL C 256 -30.16 -20.34 11.25
C VAL C 256 -31.39 -19.95 10.39
N MET C 257 -31.88 -20.87 9.57
CA MET C 257 -33.04 -20.62 8.71
C MET C 257 -34.37 -21.06 9.31
N GLU C 258 -34.32 -21.64 10.51
CA GLU C 258 -35.52 -22.13 11.18
C GLU C 258 -36.57 -21.04 11.26
N GLY C 259 -37.78 -21.34 10.79
CA GLY C 259 -38.84 -20.36 10.84
C GLY C 259 -39.11 -19.69 9.51
N LEU C 260 -38.12 -19.74 8.62
CA LEU C 260 -38.26 -19.14 7.30
C LEU C 260 -38.75 -20.16 6.29
N ASP C 261 -39.31 -19.67 5.18
CA ASP C 261 -39.80 -20.55 4.15
C ASP C 261 -38.71 -21.50 3.68
N ALA C 262 -37.51 -20.97 3.48
CA ALA C 262 -36.39 -21.77 2.99
C ALA C 262 -36.24 -23.05 3.81
N PHE C 263 -36.37 -22.90 5.13
CA PHE C 263 -36.23 -24.04 6.03
C PHE C 263 -37.38 -25.02 5.89
N ASP C 264 -38.60 -24.53 5.77
CA ASP C 264 -39.76 -25.39 5.62
C ASP C 264 -39.63 -26.21 4.34
N ASP C 265 -39.17 -25.56 3.28
CA ASP C 265 -38.97 -26.22 1.99
C ASP C 265 -37.90 -27.30 2.16
N LEU C 266 -36.78 -26.91 2.76
CA LEU C 266 -35.67 -27.81 3.00
C LEU C 266 -36.17 -29.13 3.59
N MET C 267 -36.91 -29.03 4.69
CA MET C 267 -37.45 -30.19 5.38
C MET C 267 -38.47 -30.96 4.55
N GLN C 268 -39.23 -30.25 3.74
CA GLN C 268 -40.27 -30.85 2.92
C GLN C 268 -39.82 -31.55 1.64
N HIS C 269 -38.71 -31.10 1.05
CA HIS C 269 -38.23 -31.69 -0.19
C HIS C 269 -36.87 -32.40 -0.11
N THR C 270 -36.35 -32.69 1.08
CA THR C 270 -35.02 -33.29 1.14
C THR C 270 -34.70 -34.54 1.96
N HIS C 271 -35.61 -35.01 2.79
CA HIS C 271 -35.31 -36.18 3.61
C HIS C 271 -34.19 -35.87 4.62
N ILE C 272 -34.06 -34.62 5.01
CA ILE C 272 -33.00 -34.24 5.95
C ILE C 272 -33.51 -34.10 7.38
N GLN C 273 -34.82 -33.93 7.52
CA GLN C 273 -35.43 -33.78 8.83
C GLN C 273 -35.03 -34.83 9.85
N PRO C 274 -35.15 -36.13 9.50
CA PRO C 274 -34.78 -37.18 10.45
C PRO C 274 -33.45 -36.95 11.15
N TRP C 275 -32.42 -36.64 10.37
CA TRP C 275 -31.10 -36.41 10.95
C TRP C 275 -31.14 -35.10 11.73
N TYR C 276 -31.75 -34.08 11.13
CA TYR C 276 -31.85 -32.78 11.77
C TYR C 276 -32.47 -32.88 13.16
N LEU C 277 -33.64 -33.51 13.24
CA LEU C 277 -34.33 -33.68 14.50
C LEU C 277 -33.49 -34.54 15.45
N ARG C 278 -32.74 -35.46 14.88
CA ARG C 278 -31.89 -36.34 15.67
C ARG C 278 -30.78 -35.56 16.38
N VAL C 279 -30.20 -34.59 15.68
CA VAL C 279 -29.13 -33.75 16.24
C VAL C 279 -29.70 -32.75 17.24
N GLU C 280 -30.95 -32.36 17.01
CA GLU C 280 -31.64 -31.42 17.88
C GLU C 280 -31.89 -32.02 19.26
N ARG C 281 -32.49 -33.20 19.32
CA ARG C 281 -32.77 -33.86 20.59
C ARG C 281 -31.50 -34.32 21.30
N ALA C 282 -30.48 -34.62 20.52
CA ALA C 282 -29.20 -35.06 21.08
C ALA C 282 -28.65 -33.86 21.85
N ILE C 283 -29.02 -32.67 21.38
CA ILE C 283 -28.58 -31.42 21.98
C ILE C 283 -29.44 -31.08 23.20
N THR C 284 -30.77 -31.10 23.03
CA THR C 284 -31.67 -30.80 24.13
C THR C 284 -31.51 -31.83 25.24
N GLU C 285 -30.92 -32.97 24.90
CA GLU C 285 -30.68 -34.01 25.88
C GLU C 285 -29.42 -33.63 26.63
N ALA C 286 -29.06 -32.35 26.52
CA ALA C 286 -27.87 -31.80 27.16
C ALA C 286 -26.72 -32.76 27.04
N LEU D 13 11.29 -45.98 -2.90
CA LEU D 13 10.65 -44.63 -2.96
C LEU D 13 11.35 -43.73 -3.98
N GLN D 14 10.76 -43.65 -5.16
CA GLN D 14 11.31 -42.84 -6.23
C GLN D 14 10.56 -41.52 -6.27
N LEU D 15 11.31 -40.42 -6.20
CA LEU D 15 10.74 -39.07 -6.22
C LEU D 15 11.01 -38.33 -7.52
N THR D 16 9.94 -37.85 -8.16
CA THR D 16 10.07 -37.08 -9.39
C THR D 16 9.48 -35.71 -9.08
N LEU D 17 10.28 -34.67 -9.24
CA LEU D 17 9.84 -33.32 -8.96
C LEU D 17 9.65 -32.50 -10.23
N TYR D 18 8.41 -32.13 -10.52
CA TYR D 18 8.09 -31.30 -11.69
C TYR D 18 8.25 -29.87 -11.20
N GLN D 19 9.09 -29.08 -11.84
CA GLN D 19 9.30 -27.73 -11.35
C GLN D 19 9.68 -26.68 -12.36
N TYR D 20 9.80 -25.44 -11.84
CA TYR D 20 10.25 -24.26 -12.57
C TYR D 20 11.49 -23.99 -11.72
N LYS D 21 12.67 -24.32 -12.25
CA LYS D 21 13.91 -24.17 -11.52
C LYS D 21 14.04 -22.89 -10.73
N THR D 22 13.87 -21.76 -11.40
CA THR D 22 14.00 -20.45 -10.76
C THR D 22 12.83 -19.96 -9.91
N CYS D 23 11.85 -20.83 -9.67
CA CYS D 23 10.68 -20.47 -8.87
C CYS D 23 10.92 -20.76 -7.39
N PRO D 24 10.53 -19.83 -6.50
CA PRO D 24 10.73 -20.01 -5.05
C PRO D 24 9.99 -21.20 -4.46
N PHE D 25 8.92 -21.62 -5.11
CA PHE D 25 8.16 -22.75 -4.63
C PHE D 25 8.86 -24.07 -4.90
N CYS D 26 9.57 -24.14 -6.03
CA CYS D 26 10.32 -25.35 -6.38
C CYS D 26 11.66 -25.35 -5.66
N SER D 27 12.25 -24.18 -5.49
CA SER D 27 13.52 -24.10 -4.79
C SER D 27 13.30 -24.57 -3.37
N LYS D 28 12.12 -24.24 -2.84
CA LYS D 28 11.76 -24.62 -1.49
C LYS D 28 11.76 -26.12 -1.29
N VAL D 29 11.21 -26.84 -2.27
CA VAL D 29 11.14 -28.30 -2.21
C VAL D 29 12.52 -28.90 -2.40
N ARG D 30 13.32 -28.27 -3.25
CA ARG D 30 14.66 -28.77 -3.50
C ARG D 30 15.51 -28.61 -2.26
N ALA D 31 15.43 -27.45 -1.63
CA ALA D 31 16.20 -27.18 -0.40
C ALA D 31 15.92 -28.25 0.65
N PHE D 32 14.67 -28.71 0.68
CA PHE D 32 14.26 -29.73 1.65
C PHE D 32 14.78 -31.12 1.26
N LEU D 33 14.48 -31.55 0.04
CA LEU D 33 14.92 -32.84 -0.43
C LEU D 33 16.44 -32.96 -0.32
N ASP D 34 17.13 -31.93 -0.79
CA ASP D 34 18.59 -31.91 -0.76
C ASP D 34 19.12 -32.04 0.66
N PHE D 35 18.58 -31.23 1.57
CA PHE D 35 19.03 -31.25 2.95
C PHE D 35 18.88 -32.61 3.61
N HIS D 36 17.82 -33.33 3.25
CA HIS D 36 17.60 -34.65 3.82
C HIS D 36 18.22 -35.70 2.91
N ALA D 37 19.04 -35.24 1.98
CA ALA D 37 19.74 -36.10 1.05
C ALA D 37 18.80 -37.11 0.41
N LEU D 38 17.60 -36.67 0.05
CA LEU D 38 16.65 -37.57 -0.58
C LEU D 38 16.92 -37.58 -2.07
N PRO D 39 16.94 -38.77 -2.68
CA PRO D 39 17.18 -38.88 -4.12
C PRO D 39 15.89 -38.63 -4.90
N TYR D 40 15.99 -37.81 -5.93
CA TYR D 40 14.82 -37.50 -6.75
C TYR D 40 15.24 -37.10 -8.14
N GLN D 41 14.31 -37.17 -9.07
CA GLN D 41 14.58 -36.75 -10.43
C GLN D 41 13.76 -35.51 -10.64
N VAL D 42 14.24 -34.60 -11.48
CA VAL D 42 13.49 -33.39 -11.72
C VAL D 42 13.16 -33.24 -13.19
N VAL D 43 11.88 -33.03 -13.49
CA VAL D 43 11.51 -32.80 -14.87
C VAL D 43 11.15 -31.33 -14.91
N GLU D 44 11.91 -30.59 -15.69
CA GLU D 44 11.72 -29.15 -15.83
C GLU D 44 10.48 -28.89 -16.67
N VAL D 45 9.57 -28.07 -16.16
CA VAL D 45 8.34 -27.76 -16.87
C VAL D 45 8.49 -26.54 -17.78
N ASN D 46 7.87 -26.59 -18.96
CA ASN D 46 7.92 -25.50 -19.92
C ASN D 46 6.80 -24.55 -19.50
N PRO D 47 7.17 -23.40 -18.92
CA PRO D 47 6.21 -22.40 -18.46
C PRO D 47 5.16 -21.94 -19.47
N VAL D 48 5.50 -22.04 -20.75
CA VAL D 48 4.60 -21.61 -21.80
C VAL D 48 3.58 -22.65 -22.20
N LEU D 49 4.00 -23.89 -22.41
CA LEU D 49 3.07 -24.94 -22.82
C LEU D 49 2.72 -25.90 -21.71
N ARG D 50 3.64 -26.05 -20.74
CA ARG D 50 3.43 -26.91 -19.59
C ARG D 50 3.00 -28.34 -19.92
N ALA D 51 3.41 -28.85 -21.06
CA ALA D 51 3.03 -30.20 -21.45
C ALA D 51 3.48 -31.24 -20.45
N GLU D 52 4.63 -31.04 -19.83
CA GLU D 52 5.17 -32.02 -18.88
C GLU D 52 4.37 -32.18 -17.60
N ILE D 53 3.40 -31.31 -17.41
CA ILE D 53 2.59 -31.35 -16.20
C ILE D 53 1.16 -31.69 -16.56
N LYS D 54 0.92 -31.99 -17.83
CA LYS D 54 -0.45 -32.30 -18.22
C LYS D 54 -0.71 -33.79 -18.04
N PHE D 55 -0.78 -34.20 -16.78
CA PHE D 55 -1.10 -35.56 -16.39
C PHE D 55 -1.83 -35.36 -15.07
N SER D 56 -1.66 -34.14 -14.57
CA SER D 56 -2.22 -33.73 -13.29
C SER D 56 -3.38 -32.79 -13.40
N SER D 57 -4.36 -32.97 -12.53
CA SER D 57 -5.53 -32.11 -12.49
C SER D 57 -5.12 -30.86 -11.73
N TYR D 58 -4.05 -30.99 -10.93
CA TYR D 58 -3.53 -29.87 -10.17
C TYR D 58 -2.71 -29.11 -11.20
N ARG D 59 -3.07 -27.85 -11.42
CA ARG D 59 -2.43 -27.06 -12.45
C ARG D 59 -1.35 -26.10 -12.02
N LYS D 60 -0.66 -26.41 -10.93
CA LYS D 60 0.40 -25.54 -10.46
C LYS D 60 1.64 -26.39 -10.26
N VAL D 61 2.81 -25.76 -10.23
CA VAL D 61 4.05 -26.46 -9.99
C VAL D 61 4.72 -25.74 -8.84
N PRO D 62 5.53 -26.44 -8.03
CA PRO D 62 5.86 -27.86 -8.12
C PRO D 62 4.76 -28.86 -7.87
N ILE D 63 4.99 -30.06 -8.38
CA ILE D 63 4.13 -31.20 -8.20
C ILE D 63 5.16 -32.30 -7.95
N LEU D 64 4.94 -33.15 -6.96
CA LEU D 64 5.89 -34.23 -6.70
C LEU D 64 5.15 -35.55 -6.61
N VAL D 65 5.49 -36.49 -7.48
CA VAL D 65 4.86 -37.80 -7.42
C VAL D 65 5.85 -38.78 -6.82
N ALA D 66 5.40 -39.47 -5.78
CA ALA D 66 6.25 -40.45 -5.11
C ALA D 66 5.75 -41.83 -5.53
N GLN D 67 6.66 -42.65 -6.06
CA GLN D 67 6.33 -44.00 -6.50
C GLN D 67 6.96 -44.98 -5.53
N GLU D 68 6.14 -45.89 -5.02
CA GLU D 68 6.60 -46.89 -4.09
C GLU D 68 6.22 -48.21 -4.74
N GLY D 69 7.15 -48.76 -5.51
CA GLY D 69 6.88 -50.00 -6.20
C GLY D 69 5.84 -49.78 -7.28
N GLU D 70 4.65 -50.34 -7.07
CA GLU D 70 3.57 -50.21 -8.04
C GLU D 70 2.70 -49.01 -7.70
N SER D 71 2.74 -48.62 -6.43
CA SER D 71 1.94 -47.49 -5.95
C SER D 71 2.65 -46.14 -6.19
N SER D 72 1.85 -45.08 -6.26
CA SER D 72 2.37 -43.73 -6.47
C SER D 72 1.39 -42.69 -5.94
N GLN D 73 1.92 -41.59 -5.42
CA GLN D 73 1.10 -40.51 -4.88
C GLN D 73 1.57 -39.19 -5.45
N GLN D 74 0.62 -38.29 -5.68
CA GLN D 74 0.94 -36.97 -6.19
C GLN D 74 0.81 -35.97 -5.05
N LEU D 75 1.91 -35.30 -4.70
CA LEU D 75 1.89 -34.31 -3.64
C LEU D 75 1.91 -32.96 -4.34
N ASN D 76 0.84 -32.18 -4.17
CA ASN D 76 0.73 -30.91 -4.85
C ASN D 76 1.30 -29.61 -4.31
N ASP D 77 0.87 -29.18 -3.14
CA ASP D 77 1.39 -27.89 -2.68
C ASP D 77 2.83 -27.95 -2.18
N SER D 78 3.62 -26.96 -2.56
CA SER D 78 5.03 -26.91 -2.15
C SER D 78 5.23 -27.04 -0.65
N SER D 79 4.30 -26.52 0.13
CA SER D 79 4.39 -26.61 1.58
C SER D 79 3.86 -27.96 2.05
N VAL D 80 2.89 -28.49 1.30
CA VAL D 80 2.29 -29.78 1.63
C VAL D 80 3.28 -30.91 1.31
N ILE D 81 3.98 -30.78 0.20
CA ILE D 81 4.98 -31.78 -0.20
C ILE D 81 6.00 -31.94 0.92
N ILE D 82 6.54 -30.81 1.36
CA ILE D 82 7.55 -30.79 2.42
C ILE D 82 7.02 -31.32 3.74
N SER D 83 5.78 -30.96 4.06
CA SER D 83 5.14 -31.40 5.31
C SER D 83 4.88 -32.88 5.28
N ALA D 84 4.29 -33.36 4.19
CA ALA D 84 3.99 -34.78 4.04
C ALA D 84 5.25 -35.65 4.01
N LEU D 85 6.19 -35.30 3.13
CA LEU D 85 7.44 -36.03 2.98
C LEU D 85 8.22 -36.05 4.29
N LYS D 86 8.10 -34.98 5.06
CA LYS D 86 8.79 -34.86 6.34
C LYS D 86 8.17 -35.72 7.44
N THR D 87 6.85 -35.63 7.62
CA THR D 87 6.20 -36.45 8.63
C THR D 87 6.45 -37.90 8.28
N TYR D 88 6.64 -38.16 6.99
CA TYR D 88 6.89 -39.51 6.49
C TYR D 88 8.28 -40.01 6.90
N LEU D 89 9.27 -39.13 6.85
CA LEU D 89 10.63 -39.48 7.21
C LEU D 89 10.75 -39.76 8.71
N VAL D 90 9.89 -39.14 9.51
CA VAL D 90 9.92 -39.33 10.96
C VAL D 90 8.98 -40.44 11.45
N SER D 91 7.75 -40.46 10.92
CA SER D 91 6.76 -41.45 11.32
C SER D 91 6.78 -42.74 10.50
N GLY D 92 7.28 -42.68 9.28
CA GLY D 92 7.31 -43.88 8.44
C GLY D 92 5.92 -44.32 8.03
N GLN D 93 4.90 -43.58 8.43
CA GLN D 93 3.53 -43.92 8.07
C GLN D 93 3.36 -43.81 6.56
N PRO D 94 2.53 -44.69 5.96
CA PRO D 94 2.30 -44.66 4.52
C PRO D 94 1.99 -43.27 3.96
N LEU D 95 2.66 -42.90 2.87
CA LEU D 95 2.48 -41.61 2.23
C LEU D 95 1.05 -41.38 1.76
N GLU D 96 0.38 -42.46 1.39
CA GLU D 96 -1.00 -42.37 0.91
C GLU D 96 -1.97 -42.01 2.04
N GLU D 97 -1.54 -42.22 3.27
CA GLU D 97 -2.36 -41.89 4.42
C GLU D 97 -2.01 -40.50 4.86
N ILE D 98 -0.71 -40.21 4.91
CA ILE D 98 -0.22 -38.90 5.31
C ILE D 98 -0.80 -37.76 4.46
N ILE D 99 -0.78 -37.92 3.13
CA ILE D 99 -1.28 -36.87 2.25
C ILE D 99 -2.76 -36.65 2.45
N THR D 100 -3.35 -37.51 3.26
CA THR D 100 -4.78 -37.43 3.55
C THR D 100 -5.08 -36.38 4.62
N TYR D 101 -4.05 -36.03 5.38
CA TYR D 101 -4.16 -35.02 6.43
C TYR D 101 -3.98 -33.59 5.94
N TYR D 102 -3.65 -33.44 4.66
CA TYR D 102 -3.47 -32.12 4.06
C TYR D 102 -4.40 -32.10 2.87
N PRO D 103 -5.71 -31.89 3.12
CA PRO D 103 -6.73 -31.86 2.08
C PRO D 103 -6.83 -30.55 1.32
N ALA D 104 -7.23 -30.65 0.06
CA ALA D 104 -7.39 -29.49 -0.79
C ALA D 104 -8.74 -28.89 -0.42
N MET D 105 -8.74 -27.65 0.06
CA MET D 105 -9.96 -27.00 0.46
C MET D 105 -10.43 -25.98 -0.56
N LYS D 106 -11.40 -26.39 -1.38
CA LYS D 106 -11.94 -25.53 -2.42
C LYS D 106 -12.95 -24.53 -1.87
N ALA D 107 -13.00 -23.36 -2.50
CA ALA D 107 -13.90 -22.29 -2.13
C ALA D 107 -13.96 -21.31 -3.26
N VAL D 108 -15.08 -20.60 -3.40
CA VAL D 108 -15.20 -19.61 -4.46
C VAL D 108 -14.89 -18.23 -3.87
N ASN D 109 -13.94 -17.55 -4.49
CA ASN D 109 -13.48 -16.25 -4.05
C ASN D 109 -14.60 -15.23 -4.07
N ASP D 110 -14.34 -14.09 -3.43
CA ASP D 110 -15.29 -12.99 -3.35
C ASP D 110 -15.41 -12.33 -4.71
N GLN D 111 -14.62 -12.81 -5.66
CA GLN D 111 -14.62 -12.29 -7.02
C GLN D 111 -15.16 -13.35 -7.98
N GLY D 112 -15.52 -14.51 -7.42
CA GLY D 112 -16.07 -15.58 -8.22
C GLY D 112 -15.06 -16.62 -8.66
N LYS D 113 -13.81 -16.45 -8.23
CA LYS D 113 -12.75 -17.38 -8.61
C LYS D 113 -12.63 -18.53 -7.62
N GLU D 114 -12.43 -19.74 -8.15
CA GLU D 114 -12.31 -20.92 -7.31
C GLU D 114 -10.89 -21.08 -6.80
N VAL D 115 -10.68 -20.75 -5.54
CA VAL D 115 -9.36 -20.89 -4.92
C VAL D 115 -9.27 -22.24 -4.23
N THR D 116 -8.04 -22.73 -4.08
CA THR D 116 -7.83 -24.00 -3.42
C THR D 116 -6.68 -23.88 -2.42
N GLU D 117 -7.00 -23.99 -1.15
CA GLU D 117 -6.00 -23.91 -0.10
C GLU D 117 -5.84 -25.32 0.48
N PHE D 118 -4.68 -25.63 1.04
CA PHE D 118 -4.45 -26.95 1.59
C PHE D 118 -4.45 -26.96 3.11
N GLY D 119 -5.35 -27.73 3.69
CA GLY D 119 -5.44 -27.78 5.13
C GLY D 119 -4.19 -28.28 5.84
N ASN D 120 -3.95 -27.72 7.02
CA ASN D 120 -2.84 -28.08 7.87
C ASN D 120 -1.48 -28.15 7.17
N LYS D 121 -1.33 -27.40 6.07
CA LYS D 121 -0.09 -27.44 5.29
C LYS D 121 1.22 -27.17 6.01
N TYR D 122 1.20 -26.44 7.11
CA TYR D 122 2.43 -26.15 7.85
C TYR D 122 2.53 -26.95 9.14
N TRP D 123 1.71 -27.98 9.27
CA TRP D 123 1.71 -28.82 10.46
C TRP D 123 2.10 -30.24 10.11
N LEU D 124 3.15 -30.73 10.77
CA LEU D 124 3.62 -32.09 10.57
C LEU D 124 2.70 -33.01 11.37
N MET D 125 2.21 -34.06 10.74
CA MET D 125 1.31 -34.97 11.42
C MET D 125 2.19 -35.98 12.17
N LEU D 126 2.62 -35.57 13.36
CA LEU D 126 3.51 -36.34 14.21
C LEU D 126 2.91 -36.60 15.58
N ASN D 127 3.30 -37.70 16.22
CA ASN D 127 2.80 -38.00 17.55
C ASN D 127 3.79 -37.45 18.58
N GLU D 128 3.38 -37.41 19.84
CA GLU D 128 4.22 -36.90 20.92
C GLU D 128 5.66 -37.37 20.79
N LYS D 129 5.84 -38.69 20.73
CA LYS D 129 7.16 -39.30 20.61
C LYS D 129 8.02 -38.64 19.53
N GLU D 130 7.61 -38.78 18.28
CA GLU D 130 8.37 -38.22 17.17
C GLU D 130 8.49 -36.72 17.22
N ALA D 131 7.46 -36.05 17.71
CA ALA D 131 7.49 -34.59 17.82
C ALA D 131 8.62 -34.17 18.74
N GLN D 132 8.77 -34.86 19.87
CA GLN D 132 9.83 -34.55 20.82
C GLN D 132 11.17 -34.80 20.15
N GLN D 133 11.16 -35.74 19.22
CA GLN D 133 12.34 -36.12 18.50
C GLN D 133 12.79 -35.06 17.49
N VAL D 134 11.86 -34.29 16.95
CA VAL D 134 12.22 -33.29 15.95
C VAL D 134 12.14 -31.82 16.41
N TYR D 135 11.48 -31.57 17.54
CA TYR D 135 11.37 -30.20 18.01
C TYR D 135 11.96 -29.96 19.39
N SER D 136 12.39 -28.73 19.63
CA SER D 136 12.97 -28.34 20.91
C SER D 136 11.92 -28.47 21.99
N GLY D 137 10.72 -28.00 21.66
CA GLY D 137 9.60 -28.04 22.59
C GLY D 137 8.37 -27.50 21.89
N LYS D 138 7.22 -27.46 22.58
CA LYS D 138 5.99 -26.97 21.99
C LYS D 138 6.12 -25.63 21.27
N GLU D 139 6.91 -24.73 21.85
CA GLU D 139 7.08 -23.39 21.27
C GLU D 139 7.96 -23.37 20.02
N ALA D 140 8.79 -24.39 19.86
CA ALA D 140 9.66 -24.50 18.69
C ALA D 140 8.83 -24.99 17.51
N ARG D 141 7.82 -25.80 17.79
CA ARG D 141 6.96 -26.35 16.77
C ARG D 141 6.05 -25.30 16.12
N THR D 142 5.44 -24.45 16.94
CA THR D 142 4.55 -23.42 16.42
C THR D 142 5.33 -22.23 15.85
N GLU D 143 6.60 -22.13 16.17
CA GLU D 143 7.42 -21.03 15.69
C GLU D 143 7.81 -21.24 14.22
N GLU D 144 8.21 -22.45 13.86
CA GLU D 144 8.59 -22.71 12.48
C GLU D 144 7.34 -22.64 11.60
N MET D 145 6.22 -23.07 12.16
CA MET D 145 4.95 -23.01 11.46
C MET D 145 4.68 -21.56 11.06
N LYS D 146 4.86 -20.65 12.02
CA LYS D 146 4.63 -19.23 11.77
C LYS D 146 5.62 -18.67 10.76
N TRP D 147 6.86 -19.12 10.82
CA TRP D 147 7.87 -18.63 9.90
C TRP D 147 7.80 -19.27 8.53
N ARG D 148 7.16 -20.43 8.46
CA ARG D 148 7.00 -21.13 7.20
C ARG D 148 6.01 -20.30 6.39
N GLN D 149 4.97 -19.85 7.08
CA GLN D 149 3.92 -19.04 6.46
C GLN D 149 4.44 -17.68 6.03
N TRP D 150 5.31 -17.10 6.85
CA TRP D 150 5.89 -15.80 6.58
C TRP D 150 6.67 -15.90 5.27
N ALA D 151 7.54 -16.90 5.18
CA ALA D 151 8.34 -17.09 3.99
C ALA D 151 7.53 -16.99 2.69
N ASP D 152 6.42 -17.69 2.58
CA ASP D 152 5.72 -17.60 1.32
C ASP D 152 4.58 -16.61 1.23
N ASP D 153 4.15 -16.05 2.37
CA ASP D 153 3.07 -15.09 2.30
C ASP D 153 3.61 -13.69 2.28
N TRP D 154 4.81 -13.49 2.81
CA TRP D 154 5.40 -12.17 2.76
C TRP D 154 6.71 -12.11 1.97
N LEU D 155 7.64 -12.99 2.28
CA LEU D 155 8.95 -13.00 1.63
C LEU D 155 8.95 -13.18 0.12
N VAL D 156 8.24 -14.18 -0.40
CA VAL D 156 8.27 -14.36 -1.84
C VAL D 156 7.78 -13.13 -2.59
N HIS D 157 6.83 -12.41 -2.01
CA HIS D 157 6.29 -11.20 -2.62
C HIS D 157 7.33 -10.09 -2.84
N LEU D 158 8.51 -10.24 -2.24
CA LEU D 158 9.58 -9.27 -2.38
C LEU D 158 10.60 -9.63 -3.46
N ILE D 159 10.49 -10.82 -4.02
CA ILE D 159 11.40 -11.31 -5.07
C ILE D 159 11.21 -10.56 -6.38
N SER D 160 10.06 -10.73 -7.00
CA SER D 160 9.77 -10.09 -8.27
C SER D 160 10.01 -8.58 -8.29
N PRO D 161 9.27 -7.83 -7.47
CA PRO D 161 9.50 -6.38 -7.50
C PRO D 161 10.97 -6.01 -7.41
N ASN D 162 11.77 -6.88 -6.79
CA ASN D 162 13.19 -6.61 -6.62
C ASN D 162 14.09 -7.05 -7.78
N VAL D 163 13.77 -8.17 -8.41
CA VAL D 163 14.58 -8.68 -9.51
C VAL D 163 14.13 -8.13 -10.85
N TYR D 164 12.96 -7.48 -10.87
CA TYR D 164 12.42 -6.86 -12.09
C TYR D 164 12.27 -5.37 -11.84
N ARG D 165 12.89 -4.90 -10.77
CA ARG D 165 12.80 -3.51 -10.36
C ARG D 165 13.31 -2.49 -11.36
N THR D 166 14.28 -2.90 -12.17
CA THR D 166 14.88 -2.02 -13.17
C THR D 166 14.91 -2.76 -14.51
N PRO D 167 14.78 -2.04 -15.65
CA PRO D 167 14.79 -2.70 -16.95
C PRO D 167 16.02 -3.58 -17.21
N THR D 168 17.18 -3.15 -16.73
CA THR D 168 18.40 -3.91 -16.90
C THR D 168 18.26 -5.18 -16.07
N GLU D 169 17.76 -5.04 -14.85
CA GLU D 169 17.55 -6.17 -13.96
C GLU D 169 16.51 -7.13 -14.52
N ALA D 170 15.46 -6.59 -15.11
CA ALA D 170 14.42 -7.43 -15.68
C ALA D 170 15.02 -8.35 -16.74
N LEU D 171 15.85 -7.80 -17.63
CA LEU D 171 16.48 -8.58 -18.69
C LEU D 171 17.42 -9.65 -18.14
N ALA D 172 18.19 -9.30 -17.11
CA ALA D 172 19.12 -10.24 -16.50
C ALA D 172 18.35 -11.40 -15.84
N SER D 173 17.20 -11.08 -15.25
CA SER D 173 16.37 -12.06 -14.58
C SER D 173 15.80 -13.06 -15.57
N PHE D 174 15.20 -12.57 -16.65
CA PHE D 174 14.62 -13.45 -17.64
C PHE D 174 15.67 -14.20 -18.45
N ASP D 175 16.87 -13.65 -18.50
CA ASP D 175 17.94 -14.30 -19.22
C ASP D 175 18.23 -15.57 -18.41
N TYR D 176 18.34 -15.38 -17.11
CA TYR D 176 18.61 -16.44 -16.16
C TYR D 176 17.45 -17.42 -16.07
N ILE D 177 16.23 -16.90 -16.19
CA ILE D 177 15.04 -17.75 -16.13
C ILE D 177 14.99 -18.68 -17.35
N VAL D 178 15.18 -18.08 -18.53
CA VAL D 178 15.17 -18.84 -19.78
C VAL D 178 16.37 -19.80 -19.87
N ARG D 179 17.53 -19.34 -19.42
CA ARG D 179 18.74 -20.15 -19.43
C ARG D 179 18.61 -21.31 -18.46
N GLU D 180 18.08 -21.02 -17.27
CA GLU D 180 17.89 -22.01 -16.22
C GLU D 180 16.67 -22.91 -16.44
N GLY D 181 15.64 -22.37 -17.08
CA GLY D 181 14.43 -23.14 -17.31
C GLY D 181 14.35 -23.87 -18.64
N LYS D 182 13.13 -24.29 -19.00
CA LYS D 182 12.89 -25.02 -20.24
C LYS D 182 12.02 -24.26 -21.23
N PHE D 183 12.68 -23.69 -22.25
CA PHE D 183 11.99 -22.93 -23.29
C PHE D 183 12.54 -23.33 -24.65
N GLY D 184 11.67 -23.38 -25.66
CA GLY D 184 12.13 -23.71 -26.99
C GLY D 184 13.03 -22.57 -27.43
N ALA D 185 14.06 -22.86 -28.23
CA ALA D 185 14.99 -21.83 -28.68
C ALA D 185 14.28 -20.57 -29.19
N VAL D 186 13.07 -20.75 -29.72
CA VAL D 186 12.27 -19.65 -30.25
C VAL D 186 11.57 -18.85 -29.16
N GLU D 187 10.72 -19.53 -28.38
CA GLU D 187 9.97 -18.88 -27.31
C GLU D 187 10.92 -18.40 -26.21
N GLY D 188 12.14 -18.90 -26.24
CA GLY D 188 13.12 -18.49 -25.25
C GLY D 188 13.49 -17.06 -25.57
N ALA D 189 13.86 -16.82 -26.83
CA ALA D 189 14.24 -15.49 -27.30
C ALA D 189 13.10 -14.50 -27.07
N VAL D 190 11.88 -14.93 -27.37
CA VAL D 190 10.71 -14.09 -27.20
C VAL D 190 10.56 -13.74 -25.72
N ALA D 191 10.35 -14.77 -24.91
CA ALA D 191 10.17 -14.60 -23.47
C ALA D 191 11.28 -13.78 -22.82
N LYS D 192 12.48 -13.85 -23.37
CA LYS D 192 13.62 -13.12 -22.81
C LYS D 192 13.40 -11.61 -22.84
N TYR D 193 12.92 -11.10 -23.97
CA TYR D 193 12.69 -9.67 -24.13
C TYR D 193 11.24 -9.29 -23.84
N MET D 194 10.31 -10.07 -24.34
CA MET D 194 8.89 -9.82 -24.12
C MET D 194 8.54 -10.02 -22.64
N GLY D 195 9.04 -11.11 -22.06
CA GLY D 195 8.77 -11.42 -20.67
C GLY D 195 9.40 -10.47 -19.68
N ALA D 196 10.60 -9.98 -20.00
CA ALA D 196 11.28 -9.05 -19.13
C ALA D 196 10.47 -7.75 -19.07
N ALA D 197 9.92 -7.35 -20.21
CA ALA D 197 9.12 -6.14 -20.31
C ALA D 197 7.84 -6.29 -19.51
N ALA D 198 7.08 -7.33 -19.79
CA ALA D 198 5.83 -7.60 -19.10
C ALA D 198 6.03 -7.64 -17.59
N MET D 199 7.03 -8.40 -17.14
CA MET D 199 7.33 -8.53 -15.72
C MET D 199 7.81 -7.25 -15.04
N TYR D 200 8.51 -6.41 -15.80
CA TYR D 200 9.01 -5.16 -15.26
C TYR D 200 7.82 -4.27 -14.92
N LEU D 201 6.86 -4.20 -15.84
CA LEU D 201 5.66 -3.41 -15.66
C LEU D 201 4.73 -4.06 -14.65
N ILE D 202 4.43 -5.33 -14.89
CA ILE D 202 3.56 -6.11 -14.02
C ILE D 202 4.01 -6.07 -12.57
N SER D 203 5.31 -6.03 -12.33
CA SER D 203 5.83 -5.99 -10.98
C SER D 203 5.67 -4.59 -10.36
N LYS D 204 5.51 -3.59 -11.21
CA LYS D 204 5.32 -2.22 -10.73
C LYS D 204 4.02 -2.18 -9.96
N ARG D 205 3.08 -3.03 -10.36
CA ARG D 205 1.77 -3.13 -9.73
C ARG D 205 1.80 -4.11 -8.56
N LEU D 206 2.61 -5.15 -8.68
CA LEU D 206 2.75 -6.14 -7.61
C LEU D 206 3.33 -5.42 -6.40
N LYS D 207 4.23 -4.49 -6.67
CA LYS D 207 4.86 -3.71 -5.62
C LYS D 207 3.82 -2.87 -4.89
N SER D 208 2.86 -2.33 -5.63
CA SER D 208 1.80 -1.50 -5.06
C SER D 208 0.74 -2.33 -4.36
N ARG D 209 0.16 -3.29 -5.09
CA ARG D 209 -0.87 -4.17 -4.54
C ARG D 209 -0.45 -4.77 -3.20
N HIS D 210 0.82 -5.15 -3.10
CA HIS D 210 1.35 -5.74 -1.87
C HIS D 210 1.84 -4.73 -0.84
N ARG D 211 1.53 -3.46 -1.06
CA ARG D 211 1.93 -2.40 -0.13
C ARG D 211 3.43 -2.35 0.15
N LEU D 212 4.23 -2.35 -0.92
CA LEU D 212 5.69 -2.30 -0.78
C LEU D 212 6.13 -0.85 -0.89
N GLN D 213 7.29 -0.53 -0.30
CA GLN D 213 7.81 0.84 -0.34
C GLN D 213 8.26 1.14 -1.76
N ASP D 214 8.67 2.37 -1.99
CA ASP D 214 9.14 2.76 -3.31
C ASP D 214 10.51 2.12 -3.53
N ASN D 215 11.31 2.10 -2.47
CA ASN D 215 12.62 1.47 -2.55
C ASN D 215 12.38 0.05 -2.07
N VAL D 216 11.97 -0.80 -3.00
CA VAL D 216 11.66 -2.21 -2.74
C VAL D 216 12.80 -2.94 -2.07
N ARG D 217 14.01 -2.44 -2.31
CA ARG D 217 15.20 -3.03 -1.72
C ARG D 217 15.10 -2.96 -0.21
N GLU D 218 14.55 -1.85 0.27
CA GLU D 218 14.39 -1.64 1.70
C GLU D 218 13.42 -2.63 2.32
N ASP D 219 12.41 -3.01 1.55
CA ASP D 219 11.44 -3.98 2.05
C ASP D 219 12.16 -5.32 2.17
N LEU D 220 13.10 -5.56 1.27
CA LEU D 220 13.89 -6.79 1.26
C LEU D 220 14.82 -6.85 2.45
N TYR D 221 15.51 -5.75 2.72
CA TYR D 221 16.46 -5.70 3.84
C TYR D 221 15.74 -5.83 5.17
N GLU D 222 14.60 -5.20 5.29
CA GLU D 222 13.83 -5.27 6.53
C GLU D 222 13.45 -6.72 6.83
N ALA D 223 12.91 -7.40 5.84
CA ALA D 223 12.50 -8.80 5.99
C ALA D 223 13.71 -9.63 6.41
N ALA D 224 14.82 -9.41 5.71
CA ALA D 224 16.08 -10.12 5.98
C ALA D 224 16.50 -9.94 7.44
N ASP D 225 16.48 -8.69 7.89
CA ASP D 225 16.85 -8.38 9.26
C ASP D 225 15.85 -8.95 10.26
N LYS D 226 14.58 -8.90 9.90
CA LYS D 226 13.51 -9.42 10.73
C LYS D 226 13.76 -10.91 10.95
N TRP D 227 14.27 -11.56 9.90
CA TRP D 227 14.56 -12.98 9.96
C TRP D 227 15.75 -13.29 10.88
N VAL D 228 16.89 -12.67 10.63
CA VAL D 228 18.08 -12.92 11.44
C VAL D 228 17.87 -12.61 12.92
N ALA D 229 17.04 -11.61 13.21
CA ALA D 229 16.75 -11.23 14.58
C ALA D 229 15.92 -12.35 15.20
N ALA D 230 15.03 -12.92 14.39
CA ALA D 230 14.17 -14.01 14.84
C ALA D 230 15.03 -15.22 15.18
N VAL D 231 16.00 -15.53 14.32
CA VAL D 231 16.89 -16.65 14.55
C VAL D 231 17.68 -16.38 15.83
N GLY D 232 17.94 -15.11 16.08
CA GLY D 232 18.68 -14.73 17.27
C GLY D 232 20.16 -15.03 17.11
N LYS D 233 20.91 -14.81 18.17
CA LYS D 233 22.35 -15.07 18.16
C LYS D 233 22.73 -16.21 19.10
N ASP D 234 21.73 -16.87 19.66
CA ASP D 234 21.97 -17.99 20.57
C ASP D 234 21.89 -19.33 19.85
N ARG D 235 21.68 -19.29 18.55
CA ARG D 235 21.57 -20.49 17.73
C ARG D 235 21.94 -20.22 16.28
N PRO D 236 22.58 -21.20 15.62
CA PRO D 236 22.99 -21.09 14.22
C PRO D 236 21.80 -21.05 13.25
N PHE D 237 20.78 -21.87 13.53
CA PHE D 237 19.60 -21.92 12.71
C PHE D 237 18.37 -21.77 13.60
N MET D 238 17.25 -21.35 13.02
CA MET D 238 16.03 -21.21 13.79
C MET D 238 15.73 -22.57 14.41
N GLY D 239 16.16 -23.62 13.72
CA GLY D 239 15.94 -24.97 14.20
C GLY D 239 16.94 -25.40 15.26
N GLY D 240 17.81 -24.48 15.67
CA GLY D 240 18.79 -24.80 16.69
C GLY D 240 20.13 -25.24 16.14
N GLN D 241 20.45 -26.52 16.29
CA GLN D 241 21.70 -27.08 15.80
C GLN D 241 21.66 -27.23 14.29
N LYS D 242 20.59 -27.84 13.81
CA LYS D 242 20.37 -28.06 12.38
C LYS D 242 19.21 -27.19 11.93
N PRO D 243 19.13 -26.89 10.62
CA PRO D 243 18.02 -26.06 10.16
C PRO D 243 16.71 -26.82 10.17
N ASN D 244 15.60 -26.12 10.35
CA ASN D 244 14.28 -26.77 10.32
C ASN D 244 13.51 -26.25 9.12
N LEU D 245 12.31 -26.76 8.92
CA LEU D 245 11.48 -26.36 7.79
C LEU D 245 11.38 -24.83 7.59
N ALA D 246 11.53 -24.05 8.66
CA ALA D 246 11.47 -22.60 8.54
C ALA D 246 12.76 -22.06 7.93
N ASP D 247 13.90 -22.62 8.37
CA ASP D 247 15.21 -22.23 7.86
C ASP D 247 15.29 -22.55 6.37
N LEU D 248 14.89 -23.76 6.04
CA LEU D 248 14.89 -24.24 4.66
C LEU D 248 13.87 -23.49 3.79
N ALA D 249 12.81 -22.98 4.40
CA ALA D 249 11.78 -22.25 3.65
C ALA D 249 12.29 -20.88 3.24
N VAL D 250 12.94 -20.19 4.16
CA VAL D 250 13.49 -18.87 3.85
C VAL D 250 14.69 -19.00 2.92
N TYR D 251 15.52 -20.00 3.17
CA TYR D 251 16.68 -20.23 2.33
C TYR D 251 16.21 -20.52 0.91
N GLY D 252 15.30 -21.48 0.78
CA GLY D 252 14.77 -21.85 -0.53
C GLY D 252 14.15 -20.68 -1.28
N VAL D 253 13.48 -19.80 -0.56
CA VAL D 253 12.84 -18.66 -1.19
C VAL D 253 13.90 -17.66 -1.70
N LEU D 254 14.91 -17.41 -0.89
CA LEU D 254 15.98 -16.48 -1.26
C LEU D 254 16.97 -16.97 -2.31
N ARG D 255 17.37 -18.24 -2.26
CA ARG D 255 18.34 -18.78 -3.21
C ARG D 255 17.97 -18.45 -4.64
N VAL D 256 16.68 -18.47 -4.92
CA VAL D 256 16.15 -18.19 -6.25
C VAL D 256 16.73 -16.93 -6.90
N MET D 257 17.21 -15.99 -6.07
CA MET D 257 17.77 -14.74 -6.56
C MET D 257 19.28 -14.78 -6.73
N GLU D 258 19.91 -15.88 -6.32
CA GLU D 258 21.35 -16.03 -6.43
C GLU D 258 21.83 -15.64 -7.83
N GLY D 259 22.85 -14.80 -7.88
CA GLY D 259 23.38 -14.39 -9.18
C GLY D 259 22.86 -13.06 -9.67
N LEU D 260 21.72 -12.62 -9.12
CA LEU D 260 21.12 -11.36 -9.52
C LEU D 260 21.57 -10.24 -8.59
N ASP D 261 21.46 -9.00 -9.07
CA ASP D 261 21.86 -7.85 -8.27
C ASP D 261 21.13 -7.85 -6.94
N ALA D 262 19.84 -8.17 -6.96
CA ALA D 262 19.02 -8.20 -5.76
C ALA D 262 19.69 -9.02 -4.66
N PHE D 263 20.21 -10.18 -5.05
CA PHE D 263 20.87 -11.06 -4.10
C PHE D 263 22.18 -10.48 -3.57
N ASP D 264 22.98 -9.88 -4.44
CA ASP D 264 24.25 -9.29 -4.02
C ASP D 264 23.98 -8.18 -3.02
N ASP D 265 22.95 -7.38 -3.28
CA ASP D 265 22.58 -6.29 -2.39
C ASP D 265 22.14 -6.89 -1.06
N LEU D 266 21.25 -7.87 -1.13
CA LEU D 266 20.73 -8.53 0.06
C LEU D 266 21.89 -8.89 0.98
N MET D 267 22.88 -9.60 0.44
CA MET D 267 24.04 -10.04 1.21
C MET D 267 24.90 -8.88 1.73
N GLN D 268 24.98 -7.82 0.94
CA GLN D 268 25.81 -6.66 1.27
C GLN D 268 25.22 -5.69 2.30
N HIS D 269 23.90 -5.58 2.36
CA HIS D 269 23.26 -4.64 3.30
C HIS D 269 22.42 -5.25 4.40
N THR D 270 22.51 -6.56 4.65
CA THR D 270 21.63 -7.14 5.67
C THR D 270 22.15 -8.03 6.79
N HIS D 271 23.41 -8.46 6.74
CA HIS D 271 23.92 -9.35 7.79
C HIS D 271 23.19 -10.70 7.74
N ILE D 272 22.73 -11.11 6.56
CA ILE D 272 22.02 -12.38 6.46
C ILE D 272 22.91 -13.48 5.90
N GLN D 273 24.03 -13.09 5.30
CA GLN D 273 24.95 -14.06 4.71
C GLN D 273 25.40 -15.18 5.65
N PRO D 274 25.87 -14.83 6.86
CA PRO D 274 26.32 -15.87 7.79
C PRO D 274 25.32 -17.03 7.93
N TRP D 275 24.06 -16.71 8.17
CA TRP D 275 23.05 -17.77 8.30
C TRP D 275 22.84 -18.45 6.95
N TYR D 276 22.76 -17.64 5.90
CA TYR D 276 22.56 -18.18 4.56
C TYR D 276 23.63 -19.19 4.21
N LEU D 277 24.89 -18.81 4.38
CA LEU D 277 26.00 -19.69 4.08
C LEU D 277 25.97 -20.90 4.99
N ARG D 278 25.46 -20.70 6.21
CA ARG D 278 25.37 -21.78 7.19
C ARG D 278 24.37 -22.84 6.74
N VAL D 279 23.24 -22.41 6.17
CA VAL D 279 22.22 -23.34 5.70
C VAL D 279 22.70 -24.03 4.42
N GLU D 280 23.52 -23.32 3.66
CA GLU D 280 24.06 -23.84 2.41
C GLU D 280 24.99 -25.01 2.61
N ARG D 281 25.95 -24.86 3.52
CA ARG D 281 26.91 -25.93 3.81
C ARG D 281 26.26 -27.08 4.56
N ALA D 282 25.23 -26.78 5.34
CA ALA D 282 24.51 -27.80 6.07
C ALA D 282 23.86 -28.71 5.02
N ILE D 283 23.51 -28.10 3.89
CA ILE D 283 22.89 -28.82 2.80
C ILE D 283 23.94 -29.58 2.00
N THR D 284 25.00 -28.90 1.56
CA THR D 284 26.05 -29.56 0.79
C THR D 284 26.70 -30.68 1.61
N GLU D 285 26.56 -30.60 2.92
CA GLU D 285 27.12 -31.62 3.80
C GLU D 285 26.17 -32.80 3.76
N ALA D 286 25.32 -32.82 2.73
CA ALA D 286 24.33 -33.88 2.53
C ALA D 286 23.68 -34.23 3.86
#